data_1LOB
#
_entry.id   1LOB
#
_cell.length_a   56.300
_cell.length_b   139.800
_cell.length_c   62.700
_cell.angle_alpha   90.00
_cell.angle_beta   91.00
_cell.angle_gamma   90.00
#
_symmetry.space_group_name_H-M   'P 1 21 1'
#
loop_
_entity.id
_entity.type
_entity.pdbx_description
1 polymer 'LEGUME ISOLECTIN I (ALPHA CHAIN)'
2 polymer 'LEGUME ISOLECTIN I (BETA CHAIN)'
3 non-polymer 'CALCIUM ION'
4 non-polymer 'MANGANESE (II) ION'
5 non-polymer 'methyl alpha-D-mannopyranoside'
6 water water
#
loop_
_entity_poly.entity_id
_entity_poly.type
_entity_poly.pdbx_seq_one_letter_code
_entity_poly.pdbx_strand_id
1 'polypeptide(L)'
;TETTSFSITKFGPDQQNLIFQGDGYTTKERLTLTKAVRNTVGRALYSSPIHIWDSKTGNVANFVTSFTFVIDAPNSYNVA
DGFTFFIAPVDTKPQTGGGYLGVFNSKDYDKTSQTVAVEFDTFYNTAWDPSNGDRHIGIDVNSIKSINTKSWALQNGKEA
NVVIAFNAATNVLTVSLTYPN
;
A,C,E,G
2 'polypeptide(L)' ETSYTLNEVVPLKEFVPEWVRIGFSATTGAEFAAHEVLSWYFHSELAGTSSS B,D,F,H
#
loop_
_chem_comp.id
_chem_comp.type
_chem_comp.name
_chem_comp.formula
CA non-polymer 'CALCIUM ION' 'Ca 2'
MMA D-saccharide 'methyl alpha-D-mannopyranoside' 'C7 H14 O6'
MN non-polymer 'MANGANESE (II) ION' 'Mn 2'
#
# COMPACT_ATOMS: atom_id res chain seq x y z
N THR A 1 4.68 -25.24 -7.22
CA THR A 1 5.45 -24.01 -7.21
C THR A 1 5.39 -23.42 -5.82
N GLU A 2 6.58 -23.06 -5.35
CA GLU A 2 6.77 -22.45 -4.05
C GLU A 2 7.61 -21.25 -4.33
N THR A 3 7.32 -20.17 -3.64
CA THR A 3 7.99 -18.90 -3.80
C THR A 3 8.25 -18.35 -2.38
N THR A 4 9.36 -17.64 -2.13
CA THR A 4 9.67 -16.95 -0.88
C THR A 4 10.21 -15.61 -1.30
N SER A 5 9.81 -14.53 -0.72
CA SER A 5 10.32 -13.22 -1.07
C SER A 5 10.22 -12.34 0.15
N PHE A 6 11.05 -11.31 0.19
CA PHE A 6 11.11 -10.32 1.24
C PHE A 6 12.04 -9.22 0.77
N SER A 7 11.88 -8.04 1.36
CA SER A 7 12.77 -6.92 1.21
C SER A 7 12.71 -6.18 2.55
N ILE A 8 13.87 -5.65 2.93
CA ILE A 8 14.10 -4.85 4.09
C ILE A 8 15.00 -3.77 3.51
N THR A 9 14.36 -2.69 3.22
CA THR A 9 14.96 -1.47 2.73
C THR A 9 15.61 -0.66 3.84
N LYS A 10 15.34 -0.96 5.10
CA LYS A 10 15.83 -0.19 6.20
C LYS A 10 15.66 -1.07 7.41
N PHE A 11 16.71 -1.40 8.15
CA PHE A 11 16.63 -2.32 9.26
C PHE A 11 16.29 -1.56 10.53
N GLY A 12 15.43 -2.03 11.40
CA GLY A 12 15.09 -1.25 12.58
C GLY A 12 15.69 -1.98 13.73
N PRO A 13 15.62 -1.52 14.97
CA PRO A 13 16.16 -2.22 16.13
C PRO A 13 15.45 -3.49 16.52
N ASP A 14 14.23 -3.74 16.09
CA ASP A 14 13.54 -4.95 16.48
C ASP A 14 13.25 -5.76 15.19
N GLN A 15 14.27 -6.38 14.56
CA GLN A 15 14.07 -7.03 13.27
C GLN A 15 13.85 -8.51 13.51
N GLN A 16 12.64 -8.85 13.86
CA GLN A 16 12.36 -10.22 14.29
C GLN A 16 12.31 -11.33 13.24
N ASN A 17 12.40 -10.95 11.95
CA ASN A 17 12.43 -11.95 10.88
C ASN A 17 13.84 -12.36 10.49
N LEU A 18 14.83 -11.96 11.26
CA LEU A 18 16.22 -12.26 11.07
C LEU A 18 16.58 -13.03 12.33
N ILE A 19 17.52 -13.94 12.20
CA ILE A 19 18.06 -14.71 13.31
C ILE A 19 19.46 -14.13 13.43
N PHE A 20 19.87 -13.61 14.57
CA PHE A 20 21.19 -13.06 14.75
C PHE A 20 22.14 -14.05 15.40
N GLN A 21 23.40 -14.12 14.98
CA GLN A 21 24.35 -15.01 15.60
C GLN A 21 25.63 -14.27 15.86
N GLY A 22 26.47 -14.77 16.78
CA GLY A 22 27.71 -14.13 17.16
C GLY A 22 27.40 -12.72 17.61
N ASP A 23 28.04 -11.66 17.10
CA ASP A 23 27.75 -10.30 17.50
C ASP A 23 26.98 -9.47 16.49
N GLY A 24 26.21 -10.07 15.58
CA GLY A 24 25.48 -9.30 14.60
C GLY A 24 24.28 -8.70 15.27
N TYR A 25 23.92 -7.47 14.97
CA TYR A 25 22.72 -6.88 15.54
C TYR A 25 22.34 -5.80 14.56
N THR A 26 21.28 -5.07 14.82
CA THR A 26 20.68 -4.11 13.92
C THR A 26 20.74 -2.78 14.71
N THR A 27 21.07 -1.65 14.07
CA THR A 27 21.15 -0.36 14.71
C THR A 27 21.31 0.75 13.70
N LYS A 28 20.67 1.89 14.00
CA LYS A 28 20.73 3.12 13.17
C LYS A 28 20.32 2.82 11.70
N GLU A 29 19.25 2.03 11.57
CA GLU A 29 18.73 1.64 10.27
C GLU A 29 19.61 0.69 9.45
N ARG A 30 20.61 0.14 10.10
CA ARG A 30 21.62 -0.68 9.49
C ARG A 30 21.67 -2.05 10.11
N LEU A 31 22.00 -3.12 9.38
CA LEU A 31 22.27 -4.41 9.99
C LEU A 31 23.77 -4.37 10.27
N THR A 32 24.34 -4.46 11.46
CA THR A 32 25.78 -4.43 11.56
C THR A 32 26.28 -5.82 11.89
N LEU A 33 27.14 -6.37 11.03
CA LEU A 33 27.67 -7.69 11.29
C LEU A 33 28.85 -7.70 12.23
N THR A 34 29.67 -6.70 12.01
CA THR A 34 30.87 -6.45 12.78
C THR A 34 30.99 -4.94 12.97
N LYS A 35 31.44 -4.50 14.14
CA LYS A 35 31.91 -3.13 14.33
C LYS A 35 33.39 -3.21 14.00
N ALA A 36 34.08 -2.07 14.02
CA ALA A 36 35.47 -1.98 13.69
C ALA A 36 36.25 -2.31 14.93
N VAL A 37 36.31 -3.61 15.22
CA VAL A 37 36.77 -4.14 16.49
C VAL A 37 37.49 -5.44 16.15
N ARG A 38 38.53 -5.84 16.84
CA ARG A 38 39.20 -7.07 16.56
C ARG A 38 38.41 -8.30 16.98
N ASN A 39 38.81 -9.44 16.44
CA ASN A 39 38.36 -10.78 16.84
C ASN A 39 36.85 -10.97 16.87
N THR A 40 35.97 -10.49 15.96
CA THR A 40 34.54 -10.78 16.08
C THR A 40 34.01 -11.50 14.86
N VAL A 41 32.80 -12.05 15.04
CA VAL A 41 32.12 -12.86 14.05
C VAL A 41 30.73 -12.33 14.21
N GLY A 42 30.05 -11.93 13.16
CA GLY A 42 28.64 -11.61 13.31
C GLY A 42 27.91 -12.26 12.16
N ARG A 43 26.73 -12.92 12.33
CA ARG A 43 25.95 -13.42 11.18
C ARG A 43 24.49 -13.07 11.38
N ALA A 44 23.73 -12.93 10.32
CA ALA A 44 22.29 -12.75 10.41
C ALA A 44 21.64 -13.67 9.37
N LEU A 45 20.62 -14.46 9.69
CA LEU A 45 19.97 -15.41 8.80
C LEU A 45 18.53 -14.98 8.56
N TYR A 46 17.88 -15.13 7.40
CA TYR A 46 16.45 -14.88 7.28
C TYR A 46 15.74 -15.97 8.11
N SER A 47 14.67 -15.69 8.86
CA SER A 47 14.04 -16.71 9.68
C SER A 47 13.39 -17.83 8.88
N SER A 48 12.75 -17.69 7.74
CA SER A 48 12.16 -18.84 7.06
C SER A 48 13.16 -19.73 6.32
N PRO A 49 13.18 -21.09 6.49
CA PRO A 49 13.90 -22.06 5.66
C PRO A 49 13.51 -21.80 4.23
N ILE A 50 14.34 -21.89 3.19
CA ILE A 50 13.74 -21.74 1.90
C ILE A 50 14.00 -23.06 1.11
N HIS A 51 13.06 -23.49 0.27
CA HIS A 51 13.12 -24.73 -0.46
C HIS A 51 13.97 -24.50 -1.69
N ILE A 52 15.23 -24.93 -1.70
CA ILE A 52 16.08 -24.62 -2.83
C ILE A 52 16.02 -25.72 -3.88
N TRP A 53 15.75 -26.98 -3.57
CA TRP A 53 15.53 -27.94 -4.62
C TRP A 53 14.69 -29.04 -4.01
N ASP A 54 14.17 -29.91 -4.84
CA ASP A 54 13.25 -30.92 -4.38
C ASP A 54 13.65 -32.30 -4.88
N SER A 55 13.79 -33.23 -3.95
CA SER A 55 14.21 -34.55 -4.36
C SER A 55 13.10 -35.33 -5.05
N LYS A 56 11.84 -35.06 -4.69
CA LYS A 56 10.72 -35.78 -5.29
C LYS A 56 10.67 -35.52 -6.79
N THR A 57 10.98 -34.32 -7.24
CA THR A 57 10.94 -34.00 -8.65
C THR A 57 12.29 -33.71 -9.25
N GLY A 58 13.34 -33.48 -8.47
CA GLY A 58 14.64 -33.10 -8.98
C GLY A 58 14.68 -31.65 -9.46
N ASN A 59 13.61 -30.85 -9.33
CA ASN A 59 13.65 -29.44 -9.70
C ASN A 59 14.51 -28.65 -8.75
N VAL A 60 15.18 -27.61 -9.28
CA VAL A 60 15.84 -26.69 -8.36
C VAL A 60 15.34 -25.29 -8.66
N ALA A 61 15.39 -24.44 -7.62
CA ALA A 61 14.84 -23.11 -7.63
C ALA A 61 15.68 -22.10 -8.38
N ASN A 62 15.03 -21.11 -9.00
CA ASN A 62 15.70 -19.92 -9.48
C ASN A 62 15.71 -18.93 -8.32
N PHE A 63 16.70 -18.11 -8.02
CA PHE A 63 16.55 -17.07 -7.00
C PHE A 63 17.42 -15.90 -7.38
N VAL A 64 17.12 -14.73 -6.87
CA VAL A 64 17.95 -13.58 -7.09
C VAL A 64 17.97 -12.84 -5.77
N THR A 65 19.04 -12.20 -5.38
CA THR A 65 19.04 -11.42 -4.14
C THR A 65 19.81 -10.15 -4.48
N SER A 66 19.47 -9.04 -3.86
CA SER A 66 20.19 -7.79 -4.04
C SER A 66 20.44 -7.29 -2.64
N PHE A 67 21.53 -6.58 -2.36
CA PHE A 67 21.77 -5.95 -1.06
C PHE A 67 22.76 -4.81 -1.19
N THR A 68 22.82 -3.81 -0.33
CA THR A 68 23.88 -2.86 -0.48
C THR A 68 24.61 -2.90 0.84
N PHE A 69 25.93 -2.75 0.85
CA PHE A 69 26.70 -2.91 2.07
C PHE A 69 27.81 -1.88 2.10
N VAL A 70 28.40 -1.66 3.27
CA VAL A 70 29.46 -0.72 3.46
C VAL A 70 30.56 -1.44 4.21
N ILE A 71 31.84 -1.38 3.82
CA ILE A 71 32.96 -1.85 4.68
C ILE A 71 33.63 -0.54 5.09
N ASP A 72 33.77 -0.28 6.39
CA ASP A 72 34.38 0.94 6.84
C ASP A 72 35.61 0.62 7.65
N ALA A 73 36.81 0.88 7.20
CA ALA A 73 38.01 0.47 7.90
C ALA A 73 38.85 1.68 8.34
N PRO A 74 39.78 1.63 9.31
CA PRO A 74 40.63 2.77 9.73
C PRO A 74 41.30 3.51 8.58
N ASN A 75 41.70 2.73 7.57
CA ASN A 75 42.38 3.21 6.38
C ASN A 75 42.32 2.05 5.41
N SER A 76 42.72 2.28 4.17
CA SER A 76 42.73 1.24 3.15
C SER A 76 43.81 0.19 3.27
N TYR A 77 44.72 0.27 4.21
CA TYR A 77 45.73 -0.74 4.32
C TYR A 77 45.38 -1.81 5.27
N ASN A 78 44.91 -1.44 6.44
CA ASN A 78 44.67 -2.42 7.48
C ASN A 78 43.19 -2.68 7.45
N VAL A 79 42.76 -3.65 6.64
CA VAL A 79 41.35 -3.95 6.47
C VAL A 79 41.19 -5.46 6.58
N ALA A 80 40.31 -6.01 7.40
CA ALA A 80 40.08 -7.45 7.41
C ALA A 80 38.77 -7.75 8.10
N ASP A 81 38.11 -8.90 8.00
CA ASP A 81 38.41 -9.94 7.04
C ASP A 81 37.55 -10.07 5.81
N GLY A 82 36.31 -9.62 5.89
CA GLY A 82 35.42 -9.79 4.76
C GLY A 82 34.02 -10.12 5.22
N PHE A 83 33.19 -10.30 4.22
CA PHE A 83 31.74 -10.36 4.22
C PHE A 83 31.26 -11.51 3.32
N THR A 84 30.19 -12.20 3.60
CA THR A 84 29.75 -13.34 2.83
C THR A 84 28.24 -13.24 2.70
N PHE A 85 27.65 -13.74 1.62
CA PHE A 85 26.23 -14.05 1.55
C PHE A 85 26.37 -15.55 1.48
N PHE A 86 25.67 -16.37 2.27
CA PHE A 86 25.82 -17.81 2.19
C PHE A 86 24.47 -18.51 2.22
N ILE A 87 24.49 -19.78 1.82
CA ILE A 87 23.35 -20.67 1.76
C ILE A 87 23.83 -21.87 2.59
N ALA A 88 23.09 -22.38 3.56
CA ALA A 88 23.63 -23.43 4.40
C ALA A 88 22.52 -24.26 5.00
N PRO A 89 22.70 -25.40 5.69
CA PRO A 89 21.63 -26.16 6.31
C PRO A 89 20.81 -25.27 7.24
N VAL A 90 19.56 -25.63 7.46
CA VAL A 90 18.70 -24.88 8.36
C VAL A 90 19.28 -24.66 9.77
N ASP A 91 20.03 -25.59 10.36
CA ASP A 91 20.56 -25.44 11.69
C ASP A 91 21.98 -24.83 11.76
N THR A 92 22.39 -24.11 10.73
CA THR A 92 23.73 -23.57 10.60
C THR A 92 24.07 -22.66 11.76
N LYS A 93 25.32 -22.79 12.22
CA LYS A 93 25.89 -22.06 13.34
C LYS A 93 27.22 -21.45 12.88
N PRO A 94 27.74 -20.37 13.50
CA PRO A 94 29.01 -19.72 13.18
C PRO A 94 30.14 -20.72 13.21
N GLN A 95 31.03 -20.67 12.25
CA GLN A 95 32.21 -21.55 12.25
C GLN A 95 33.40 -20.68 12.66
N THR A 96 34.61 -20.94 12.18
CA THR A 96 35.78 -20.20 12.57
C THR A 96 35.76 -18.76 12.10
N GLY A 97 36.17 -17.85 12.98
CA GLY A 97 36.25 -16.47 12.61
C GLY A 97 37.50 -16.13 11.80
N GLY A 98 37.92 -14.89 11.90
CA GLY A 98 39.06 -14.38 11.14
C GLY A 98 38.92 -14.72 9.66
N GLY A 99 39.97 -15.25 9.03
CA GLY A 99 39.99 -15.59 7.64
C GLY A 99 38.97 -16.60 7.16
N TYR A 100 38.42 -17.47 8.01
CA TYR A 100 37.37 -18.38 7.62
C TYR A 100 36.01 -17.70 7.52
N LEU A 101 35.87 -16.38 7.78
CA LEU A 101 34.69 -15.57 7.56
C LEU A 101 33.42 -16.04 8.23
N GLY A 102 33.49 -16.84 9.29
CA GLY A 102 32.33 -17.29 10.01
C GLY A 102 31.55 -18.40 9.34
N VAL A 103 31.92 -18.90 8.16
CA VAL A 103 31.12 -19.90 7.47
C VAL A 103 31.83 -21.22 7.23
N PHE A 104 33.17 -21.29 7.26
CA PHE A 104 33.88 -22.52 6.94
C PHE A 104 34.91 -22.74 8.04
N ASN A 105 35.49 -23.93 8.01
CA ASN A 105 36.48 -24.31 9.01
C ASN A 105 37.79 -24.79 8.46
N SER A 106 37.93 -24.90 7.13
CA SER A 106 39.11 -25.47 6.57
C SER A 106 39.27 -24.97 5.15
N LYS A 107 40.46 -25.10 4.60
CA LYS A 107 40.65 -24.85 3.20
C LYS A 107 40.46 -26.19 2.49
N ASP A 108 40.44 -27.30 3.22
CA ASP A 108 40.13 -28.60 2.68
C ASP A 108 38.63 -28.75 2.40
N TYR A 109 38.28 -29.45 1.31
CA TYR A 109 36.93 -29.70 0.87
C TYR A 109 36.24 -30.57 1.88
N ASP A 110 35.05 -30.24 2.33
CA ASP A 110 34.37 -31.12 3.21
C ASP A 110 32.91 -31.16 2.77
N LYS A 111 32.41 -32.25 2.18
CA LYS A 111 31.02 -32.25 1.76
C LYS A 111 30.05 -32.19 2.92
N THR A 112 30.43 -32.56 4.13
CA THR A 112 29.65 -32.38 5.36
C THR A 112 29.33 -30.91 5.68
N SER A 113 29.98 -29.96 5.02
CA SER A 113 29.75 -28.55 5.25
C SER A 113 28.39 -28.13 4.72
N GLN A 114 28.10 -28.52 3.48
CA GLN A 114 26.90 -28.20 2.73
C GLN A 114 26.60 -26.72 2.72
N THR A 115 27.66 -25.91 2.60
CA THR A 115 27.51 -24.46 2.57
C THR A 115 28.10 -23.90 1.27
N VAL A 116 27.42 -23.06 0.51
CA VAL A 116 28.12 -22.31 -0.55
C VAL A 116 27.96 -20.82 -0.19
N ALA A 117 29.09 -20.11 -0.36
CA ALA A 117 29.17 -18.71 0.04
C ALA A 117 29.74 -17.92 -1.11
N VAL A 118 29.31 -16.67 -1.21
CA VAL A 118 29.89 -15.74 -2.14
C VAL A 118 30.58 -14.82 -1.19
N GLU A 119 31.90 -14.67 -1.29
CA GLU A 119 32.63 -13.85 -0.33
C GLU A 119 33.16 -12.58 -0.94
N PHE A 120 33.33 -11.58 -0.12
CA PHE A 120 33.86 -10.27 -0.49
C PHE A 120 35.01 -10.15 0.52
N ASP A 121 36.16 -10.69 0.12
CA ASP A 121 37.29 -10.86 0.99
C ASP A 121 38.27 -9.71 0.92
N THR A 122 38.65 -9.12 2.04
CA THR A 122 39.51 -7.96 2.06
C THR A 122 40.91 -8.20 2.58
N PHE A 123 41.14 -9.38 3.12
CA PHE A 123 42.44 -9.76 3.67
C PHE A 123 42.88 -11.11 3.07
N TYR A 124 44.14 -10.98 2.67
CA TYR A 124 44.90 -12.02 2.00
C TYR A 124 45.48 -13.04 2.97
N ASN A 125 44.99 -14.28 2.97
CA ASN A 125 45.42 -15.25 3.94
C ASN A 125 46.23 -16.09 2.99
N THR A 126 47.55 -16.13 3.14
CA THR A 126 48.42 -16.84 2.22
C THR A 126 48.12 -18.31 2.04
N ALA A 127 47.50 -18.99 3.00
CA ALA A 127 47.27 -20.39 2.80
C ALA A 127 46.21 -20.74 1.77
N TRP A 128 45.29 -19.86 1.38
CA TRP A 128 44.27 -20.28 0.45
C TRP A 128 43.85 -19.19 -0.50
N ASP A 129 44.16 -17.91 -0.22
CA ASP A 129 43.68 -16.80 -1.04
C ASP A 129 44.51 -16.57 -2.27
N PRO A 130 44.03 -15.88 -3.32
CA PRO A 130 44.79 -15.65 -4.55
C PRO A 130 46.17 -15.11 -4.25
N SER A 131 47.21 -15.72 -4.83
CA SER A 131 48.58 -15.38 -4.51
C SER A 131 48.98 -13.97 -4.87
N ASN A 132 48.23 -13.31 -5.77
CA ASN A 132 48.45 -11.88 -6.05
C ASN A 132 48.16 -10.98 -4.85
N GLY A 133 47.62 -11.44 -3.71
CA GLY A 133 47.33 -10.57 -2.58
C GLY A 133 46.15 -9.62 -2.79
N ASP A 134 45.39 -9.69 -3.88
CA ASP A 134 44.26 -8.80 -4.14
C ASP A 134 43.04 -9.11 -3.32
N ARG A 135 42.28 -8.06 -2.98
CA ARG A 135 40.94 -8.17 -2.42
C ARG A 135 40.16 -8.71 -3.59
N HIS A 136 39.18 -9.54 -3.26
CA HIS A 136 38.48 -10.37 -4.22
C HIS A 136 37.08 -10.77 -3.79
N ILE A 137 36.27 -10.98 -4.84
CA ILE A 137 34.95 -11.60 -4.78
C ILE A 137 35.25 -13.06 -5.08
N GLY A 138 34.64 -14.01 -4.40
CA GLY A 138 34.94 -15.39 -4.61
C GLY A 138 33.67 -16.20 -4.42
N ILE A 139 33.62 -17.41 -4.95
CA ILE A 139 32.50 -18.32 -4.77
C ILE A 139 33.12 -19.53 -4.09
N ASP A 140 32.55 -19.93 -2.95
CA ASP A 140 33.11 -20.95 -2.07
C ASP A 140 32.11 -22.04 -1.99
N VAL A 141 32.49 -23.29 -2.20
CA VAL A 141 31.54 -24.33 -1.92
C VAL A 141 32.30 -25.35 -1.06
N ASN A 142 31.83 -25.45 0.17
CA ASN A 142 32.33 -26.39 1.18
C ASN A 142 33.78 -26.23 1.63
N SER A 143 34.36 -25.06 1.43
CA SER A 143 35.74 -24.79 1.80
C SER A 143 35.94 -23.28 1.66
N ILE A 144 36.88 -22.72 2.42
CA ILE A 144 37.18 -21.29 2.35
C ILE A 144 38.05 -21.04 1.12
N LYS A 145 38.49 -22.08 0.39
CA LYS A 145 39.32 -21.83 -0.76
C LYS A 145 38.40 -21.72 -1.94
N SER A 146 38.19 -20.52 -2.51
CA SER A 146 37.21 -20.32 -3.56
C SER A 146 37.45 -21.17 -4.80
N ILE A 147 36.38 -21.58 -5.46
CA ILE A 147 36.51 -22.30 -6.72
C ILE A 147 36.70 -21.30 -7.86
N ASN A 148 36.46 -20.01 -7.65
CA ASN A 148 36.70 -18.99 -8.67
C ASN A 148 36.74 -17.67 -7.92
N THR A 149 37.55 -16.67 -8.31
CA THR A 149 37.60 -15.38 -7.62
C THR A 149 37.73 -14.27 -8.67
N LYS A 150 37.50 -13.01 -8.36
CA LYS A 150 37.67 -11.93 -9.30
C LYS A 150 38.24 -10.80 -8.46
N SER A 151 39.26 -10.07 -8.91
CA SER A 151 39.85 -9.02 -8.12
C SER A 151 38.90 -7.85 -8.01
N TRP A 152 38.86 -7.16 -6.87
CA TRP A 152 37.97 -6.04 -6.64
C TRP A 152 38.74 -4.99 -5.86
N ALA A 153 38.57 -3.71 -6.21
CA ALA A 153 39.22 -2.67 -5.44
C ALA A 153 38.16 -2.08 -4.46
N LEU A 154 38.45 -2.25 -3.18
CA LEU A 154 37.62 -1.75 -2.10
C LEU A 154 37.62 -0.23 -2.15
N GLN A 155 36.47 0.41 -2.14
CA GLN A 155 36.40 1.84 -1.97
C GLN A 155 35.94 1.88 -0.50
N ASN A 156 36.82 2.26 0.39
CA ASN A 156 36.55 2.17 1.81
C ASN A 156 35.50 3.19 2.23
N GLY A 157 34.46 2.76 2.97
CA GLY A 157 33.39 3.61 3.45
C GLY A 157 32.31 3.93 2.43
N LYS A 158 32.35 3.35 1.25
CA LYS A 158 31.40 3.68 0.20
C LYS A 158 30.43 2.53 0.10
N GLU A 159 29.15 2.74 -0.18
CA GLU A 159 28.27 1.60 -0.33
C GLU A 159 28.34 0.96 -1.71
N ALA A 160 28.29 -0.36 -1.69
CA ALA A 160 28.34 -1.18 -2.87
C ALA A 160 26.99 -1.86 -3.04
N ASN A 161 26.47 -1.99 -4.24
CA ASN A 161 25.22 -2.67 -4.49
C ASN A 161 25.58 -4.03 -5.05
N VAL A 162 25.12 -5.15 -4.52
CA VAL A 162 25.46 -6.46 -4.99
C VAL A 162 24.22 -7.12 -5.51
N VAL A 163 24.25 -7.87 -6.61
CA VAL A 163 23.13 -8.69 -7.09
C VAL A 163 23.71 -10.08 -7.26
N ILE A 164 23.10 -11.10 -6.67
CA ILE A 164 23.51 -12.47 -6.89
C ILE A 164 22.29 -13.13 -7.52
N ALA A 165 22.42 -13.87 -8.64
CA ALA A 165 21.30 -14.55 -9.28
C ALA A 165 21.66 -15.98 -9.55
N PHE A 166 20.79 -16.96 -9.39
CA PHE A 166 21.05 -18.33 -9.78
C PHE A 166 19.95 -18.70 -10.76
N ASN A 167 20.36 -19.35 -11.83
CA ASN A 167 19.50 -19.79 -12.89
C ASN A 167 19.60 -21.30 -12.88
N ALA A 168 18.48 -21.92 -12.57
CA ALA A 168 18.36 -23.34 -12.46
C ALA A 168 18.45 -24.04 -13.79
N ALA A 169 18.08 -23.38 -14.89
CA ALA A 169 18.16 -24.00 -16.22
C ALA A 169 19.61 -24.36 -16.54
N THR A 170 20.54 -23.47 -16.20
CA THR A 170 21.94 -23.67 -16.50
C THR A 170 22.82 -23.91 -15.30
N ASN A 171 22.25 -23.79 -14.11
CA ASN A 171 22.99 -23.82 -12.86
C ASN A 171 24.05 -22.71 -12.82
N VAL A 172 23.89 -21.55 -13.46
CA VAL A 172 24.94 -20.56 -13.35
C VAL A 172 24.57 -19.61 -12.20
N LEU A 173 25.57 -19.30 -11.35
CA LEU A 173 25.54 -18.33 -10.26
C LEU A 173 26.27 -17.09 -10.81
N THR A 174 25.63 -15.94 -10.87
CA THR A 174 26.18 -14.70 -11.35
C THR A 174 26.25 -13.74 -10.16
N VAL A 175 27.31 -12.97 -9.99
CA VAL A 175 27.52 -12.07 -8.89
C VAL A 175 27.93 -10.77 -9.55
N SER A 176 27.34 -9.63 -9.22
CA SER A 176 27.88 -8.39 -9.66
C SER A 176 27.84 -7.39 -8.50
N LEU A 177 28.96 -6.69 -8.31
CA LEU A 177 29.17 -5.67 -7.28
C LEU A 177 29.30 -4.39 -8.10
N THR A 178 28.58 -3.33 -7.76
CA THR A 178 28.68 -2.05 -8.42
C THR A 178 28.79 -0.92 -7.43
N TYR A 179 29.84 -0.09 -7.53
CA TYR A 179 29.93 1.15 -6.79
C TYR A 179 29.46 2.18 -7.80
N PRO A 180 28.69 3.21 -7.41
CA PRO A 180 28.25 4.34 -8.25
C PRO A 180 29.27 5.20 -9.01
N GLU B 1 29.60 3.48 -11.35
CA GLU B 1 29.83 2.94 -12.66
C GLU B 1 31.08 2.09 -12.62
N THR B 2 31.48 1.54 -11.47
CA THR B 2 32.61 0.66 -11.39
C THR B 2 31.91 -0.61 -10.96
N SER B 3 32.15 -1.70 -11.69
CA SER B 3 31.47 -2.96 -11.49
C SER B 3 32.43 -4.13 -11.58
N TYR B 4 32.08 -5.23 -10.92
CA TYR B 4 32.85 -6.48 -10.93
C TYR B 4 31.82 -7.60 -11.00
N THR B 5 31.91 -8.54 -11.92
CA THR B 5 30.96 -9.61 -12.19
C THR B 5 31.79 -10.88 -12.17
N LEU B 6 31.27 -11.99 -11.67
CA LEU B 6 31.93 -13.26 -11.64
C LEU B 6 30.78 -14.19 -12.00
N ASN B 7 30.92 -15.13 -12.93
CA ASN B 7 29.91 -16.13 -13.28
C ASN B 7 30.47 -17.49 -12.98
N GLU B 8 29.74 -18.50 -12.56
CA GLU B 8 30.32 -19.81 -12.35
C GLU B 8 29.21 -20.85 -12.34
N VAL B 9 29.35 -22.04 -12.91
CA VAL B 9 28.30 -23.06 -12.91
C VAL B 9 28.44 -23.76 -11.58
N VAL B 10 27.40 -23.73 -10.74
CA VAL B 10 27.45 -24.39 -9.43
C VAL B 10 26.16 -25.19 -9.27
N PRO B 11 26.14 -26.50 -9.56
CA PRO B 11 24.95 -27.35 -9.37
C PRO B 11 24.54 -27.51 -7.91
N LEU B 12 23.90 -26.49 -7.36
CA LEU B 12 23.49 -26.43 -5.96
C LEU B 12 22.87 -27.69 -5.37
N LYS B 13 22.08 -28.39 -6.17
CA LYS B 13 21.44 -29.62 -5.80
C LYS B 13 22.45 -30.64 -5.31
N GLU B 14 23.71 -30.58 -5.72
CA GLU B 14 24.71 -31.54 -5.29
C GLU B 14 25.41 -31.29 -3.94
N PHE B 15 25.34 -30.00 -3.56
CA PHE B 15 26.08 -29.47 -2.39
C PHE B 15 25.26 -29.14 -1.15
N VAL B 16 24.09 -28.57 -1.35
CA VAL B 16 23.26 -28.01 -0.28
C VAL B 16 22.02 -28.88 0.03
N PRO B 17 21.39 -28.91 1.21
CA PRO B 17 20.18 -29.69 1.43
C PRO B 17 19.02 -29.07 0.65
N GLU B 18 17.89 -29.78 0.60
CA GLU B 18 16.70 -29.31 -0.13
C GLU B 18 16.16 -28.04 0.45
N TRP B 19 16.21 -27.99 1.78
CA TRP B 19 15.78 -26.84 2.57
C TRP B 19 17.01 -26.21 3.21
N VAL B 20 17.18 -24.90 3.03
CA VAL B 20 18.34 -24.14 3.50
C VAL B 20 17.97 -22.89 4.27
N ARG B 21 18.88 -22.30 5.05
CA ARG B 21 18.70 -20.94 5.48
C ARG B 21 19.70 -20.10 4.69
N ILE B 22 19.42 -18.84 4.40
CA ILE B 22 20.34 -17.97 3.74
C ILE B 22 20.75 -16.83 4.66
N GLY B 23 21.90 -16.17 4.45
CA GLY B 23 22.18 -15.07 5.34
C GLY B 23 23.50 -14.43 5.04
N PHE B 24 23.99 -13.61 5.95
CA PHE B 24 25.26 -12.95 5.78
C PHE B 24 26.16 -13.26 6.94
N SER B 25 27.49 -13.29 6.77
CA SER B 25 28.38 -13.36 7.92
C SER B 25 29.46 -12.32 7.64
N ALA B 26 30.20 -11.89 8.66
CA ALA B 26 31.38 -11.05 8.50
C ALA B 26 32.22 -11.27 9.72
N THR B 27 33.54 -11.09 9.59
CA THR B 27 34.46 -11.33 10.68
C THR B 27 35.57 -10.33 10.67
N THR B 28 36.26 -10.22 11.81
CA THR B 28 37.50 -9.49 11.88
C THR B 28 38.44 -10.45 12.60
N GLY B 29 39.75 -10.23 12.59
CA GLY B 29 40.67 -11.13 13.24
C GLY B 29 41.69 -10.22 13.88
N ALA B 30 42.96 -10.24 13.52
CA ALA B 30 43.87 -9.30 14.17
C ALA B 30 43.69 -7.98 13.44
N GLU B 31 43.12 -7.90 12.24
CA GLU B 31 42.81 -6.61 11.64
C GLU B 31 41.33 -6.53 11.58
N PHE B 32 40.76 -5.37 11.29
CA PHE B 32 39.32 -5.17 11.44
C PHE B 32 38.76 -4.11 10.51
N ALA B 33 37.45 -4.07 10.45
CA ALA B 33 36.69 -3.04 9.75
C ALA B 33 35.23 -3.22 10.15
N ALA B 34 34.38 -2.21 10.05
CA ALA B 34 32.93 -2.32 10.28
C ALA B 34 32.31 -2.89 9.00
N HIS B 35 31.37 -3.83 9.10
CA HIS B 35 30.75 -4.48 7.95
C HIS B 35 29.25 -4.34 8.12
N GLU B 36 28.52 -3.59 7.30
CA GLU B 36 27.14 -3.29 7.58
C GLU B 36 26.33 -3.51 6.34
N VAL B 37 25.10 -3.95 6.47
CA VAL B 37 24.24 -4.17 5.35
C VAL B 37 23.15 -3.13 5.53
N LEU B 38 22.86 -2.42 4.45
CA LEU B 38 21.88 -1.35 4.46
C LEU B 38 20.54 -1.84 3.93
N SER B 39 20.39 -2.78 2.99
CA SER B 39 19.07 -3.25 2.59
C SER B 39 19.20 -4.64 1.99
N TRP B 40 18.15 -5.44 1.85
CA TRP B 40 18.31 -6.82 1.39
C TRP B 40 17.00 -7.14 0.72
N TYR B 41 17.00 -7.77 -0.44
CA TYR B 41 15.83 -8.18 -1.17
C TYR B 41 16.21 -9.57 -1.69
N PHE B 42 15.24 -10.48 -1.66
CA PHE B 42 15.41 -11.83 -2.09
C PHE B 42 14.16 -12.35 -2.77
N HIS B 43 14.22 -13.19 -3.80
CA HIS B 43 13.05 -13.83 -4.36
C HIS B 43 13.50 -15.18 -4.84
N SER B 44 12.89 -16.31 -4.47
CA SER B 44 13.17 -17.60 -5.06
C SER B 44 11.90 -18.17 -5.65
N GLU B 45 11.94 -19.04 -6.64
CA GLU B 45 10.79 -19.70 -7.19
C GLU B 45 11.24 -21.13 -7.47
N LEU B 46 10.57 -22.16 -7.01
CA LEU B 46 10.88 -23.54 -7.26
C LEU B 46 9.63 -24.09 -7.89
N ALA B 47 9.69 -24.66 -9.10
CA ALA B 47 8.47 -25.20 -9.71
C ALA B 47 8.12 -26.65 -9.29
N THR C 1 10.91 0.40 4.28
CA THR C 1 9.87 -0.47 3.77
C THR C 1 10.24 -1.92 3.97
N GLU C 2 9.27 -2.75 4.27
CA GLU C 2 9.48 -4.18 4.48
C GLU C 2 8.35 -4.87 3.77
N THR C 3 8.61 -5.98 3.08
CA THR C 3 7.57 -6.82 2.49
C THR C 3 7.92 -8.25 2.82
N THR C 4 6.96 -9.15 2.95
CA THR C 4 7.20 -10.54 3.13
C THR C 4 6.19 -11.11 2.17
N SER C 5 6.52 -12.06 1.28
CA SER C 5 5.54 -12.63 0.40
C SER C 5 5.87 -14.07 0.20
N PHE C 6 4.93 -14.96 -0.01
CA PHE C 6 5.26 -16.34 -0.34
C PHE C 6 4.05 -16.94 -0.99
N SER C 7 4.21 -18.08 -1.66
CA SER C 7 3.08 -18.78 -2.17
C SER C 7 3.39 -20.25 -2.13
N ILE C 8 2.46 -21.12 -1.80
CA ILE C 8 2.66 -22.53 -1.87
C ILE C 8 1.42 -23.07 -2.57
N THR C 9 1.66 -23.55 -3.76
CA THR C 9 0.69 -24.12 -4.66
C THR C 9 0.43 -25.59 -4.41
N LYS C 10 1.38 -26.30 -3.80
CA LYS C 10 1.26 -27.73 -3.60
C LYS C 10 2.12 -27.99 -2.36
N PHE C 11 1.56 -28.66 -1.37
CA PHE C 11 2.25 -28.91 -0.13
C PHE C 11 2.98 -30.23 -0.17
N GLY C 12 4.26 -30.17 0.15
CA GLY C 12 5.07 -31.36 0.14
C GLY C 12 4.97 -32.03 1.50
N PRO C 13 5.41 -33.28 1.62
CA PRO C 13 5.52 -33.99 2.90
C PRO C 13 6.32 -33.31 4.01
N ASP C 14 7.30 -32.45 3.66
CA ASP C 14 8.13 -31.80 4.66
C ASP C 14 8.17 -30.36 4.23
N GLN C 15 7.27 -29.61 4.79
CA GLN C 15 7.13 -28.23 4.35
C GLN C 15 7.72 -27.53 5.54
N GLN C 16 9.03 -27.36 5.42
CA GLN C 16 9.77 -26.79 6.51
C GLN C 16 9.57 -25.29 6.69
N ASN C 17 8.90 -24.56 5.78
CA ASN C 17 8.72 -23.16 6.07
C ASN C 17 7.42 -22.94 6.86
N LEU C 18 6.78 -23.99 7.39
CA LEU C 18 5.56 -23.87 8.19
C LEU C 18 5.84 -24.48 9.52
N ILE C 19 5.18 -23.95 10.54
CA ILE C 19 5.23 -24.45 11.89
C ILE C 19 3.90 -25.16 12.04
N PHE C 20 3.90 -26.44 12.34
CA PHE C 20 2.70 -27.23 12.47
C PHE C 20 2.37 -27.38 13.95
N GLN C 21 1.11 -27.30 14.34
CA GLN C 21 0.76 -27.41 15.74
C GLN C 21 -0.43 -28.32 15.75
N GLY C 22 -0.54 -29.07 16.85
CA GLY C 22 -1.60 -30.01 17.04
C GLY C 22 -1.46 -31.12 16.02
N ASP C 23 -2.52 -31.42 15.33
CA ASP C 23 -2.48 -32.49 14.35
C ASP C 23 -2.24 -32.02 12.95
N GLY C 24 -1.98 -30.72 12.73
CA GLY C 24 -1.77 -30.26 11.37
C GLY C 24 -0.53 -30.96 10.85
N TYR C 25 -0.59 -31.40 9.60
CA TYR C 25 0.56 -31.99 8.92
C TYR C 25 0.26 -31.93 7.42
N THR C 26 1.18 -32.22 6.49
CA THR C 26 0.86 -32.21 5.07
C THR C 26 0.82 -33.64 4.55
N THR C 27 -0.10 -33.85 3.63
CA THR C 27 -0.42 -35.15 3.11
C THR C 27 -1.16 -34.89 1.83
N LYS C 28 -1.02 -35.82 0.89
CA LYS C 28 -1.54 -35.79 -0.47
C LYS C 28 -1.56 -34.39 -1.12
N GLU C 29 -0.45 -33.70 -0.81
CA GLU C 29 -0.14 -32.39 -1.28
C GLU C 29 -1.14 -31.27 -0.97
N ARG C 30 -1.66 -31.50 0.22
CA ARG C 30 -2.61 -30.66 0.93
C ARG C 30 -2.10 -30.49 2.34
N LEU C 31 -2.44 -29.37 2.95
CA LEU C 31 -2.15 -29.14 4.35
C LEU C 31 -3.40 -29.70 5.06
N THR C 32 -3.33 -30.75 5.87
CA THR C 32 -4.50 -31.28 6.54
C THR C 32 -4.50 -30.68 7.94
N LEU C 33 -5.43 -29.78 8.22
CA LEU C 33 -5.47 -29.22 9.54
C LEU C 33 -6.18 -30.27 10.45
N THR C 34 -7.33 -30.86 10.11
CA THR C 34 -7.85 -31.93 10.95
C THR C 34 -8.25 -33.07 10.05
N LYS C 35 -8.24 -34.29 10.56
CA LYS C 35 -8.92 -35.35 9.87
C LYS C 35 -10.35 -35.41 10.39
N ALA C 36 -11.19 -36.23 9.76
CA ALA C 36 -12.56 -36.35 10.19
C ALA C 36 -12.57 -37.24 11.43
N VAL C 37 -12.26 -36.65 12.58
CA VAL C 37 -12.25 -37.37 13.84
C VAL C 37 -12.63 -36.32 14.88
N ARG C 38 -13.20 -36.77 15.98
CA ARG C 38 -13.69 -35.89 17.02
C ARG C 38 -12.58 -35.24 17.83
N ASN C 39 -12.93 -34.08 18.35
CA ASN C 39 -12.15 -33.37 19.33
C ASN C 39 -10.68 -33.12 19.00
N THR C 40 -10.39 -32.66 17.78
CA THR C 40 -9.00 -32.36 17.44
C THR C 40 -8.80 -30.88 17.12
N VAL C 41 -7.54 -30.45 17.09
CA VAL C 41 -7.16 -29.12 16.67
C VAL C 41 -5.97 -29.34 15.73
N GLY C 42 -5.81 -28.54 14.69
CA GLY C 42 -4.63 -28.56 13.87
C GLY C 42 -4.36 -27.11 13.49
N ARG C 43 -3.12 -26.61 13.58
CA ARG C 43 -2.81 -25.25 13.16
C ARG C 43 -1.52 -25.33 12.35
N ALA C 44 -1.25 -24.34 11.52
CA ALA C 44 -0.04 -24.27 10.74
C ALA C 44 0.23 -22.78 10.58
N LEU C 45 1.45 -22.40 10.85
CA LEU C 45 1.79 -21.01 10.88
C LEU C 45 2.90 -20.80 9.88
N TYR C 46 2.97 -19.66 9.19
CA TYR C 46 4.13 -19.39 8.37
C TYR C 46 5.31 -19.20 9.33
N SER C 47 6.49 -19.75 9.00
CA SER C 47 7.61 -19.59 9.91
C SER C 47 8.13 -18.17 10.10
N SER C 48 8.22 -17.23 9.12
CA SER C 48 8.78 -15.92 9.44
C SER C 48 7.75 -15.07 10.19
N PRO C 49 8.09 -14.35 11.26
CA PRO C 49 7.30 -13.21 11.73
C PRO C 49 7.13 -12.18 10.61
N ILE C 50 5.96 -11.50 10.66
CA ILE C 50 5.55 -10.48 9.71
C ILE C 50 5.42 -9.19 10.51
N HIS C 51 5.92 -8.10 9.93
CA HIS C 51 5.88 -6.80 10.56
C HIS C 51 4.56 -6.13 10.16
N ILE C 52 3.58 -6.11 11.05
CA ILE C 52 2.30 -5.58 10.65
C ILE C 52 2.18 -4.10 10.99
N TRP C 53 2.81 -3.57 12.04
CA TRP C 53 2.80 -2.14 12.20
C TRP C 53 4.08 -1.81 12.92
N ASP C 54 4.41 -0.55 12.93
CA ASP C 54 5.62 -0.11 13.58
C ASP C 54 5.39 1.03 14.56
N SER C 55 5.72 0.91 15.83
CA SER C 55 5.51 2.00 16.76
C SER C 55 6.38 3.21 16.57
N LYS C 56 7.58 3.15 15.98
CA LYS C 56 8.33 4.39 15.87
C LYS C 56 7.87 5.28 14.72
N THR C 57 7.23 4.72 13.68
CA THR C 57 6.68 5.57 12.65
C THR C 57 5.17 5.67 12.77
N GLY C 58 4.52 4.69 13.41
CA GLY C 58 3.07 4.62 13.43
C GLY C 58 2.49 3.99 12.16
N ASN C 59 3.29 3.66 11.13
CA ASN C 59 2.79 3.07 9.89
C ASN C 59 2.22 1.69 10.14
N VAL C 60 1.28 1.29 9.31
CA VAL C 60 0.62 0.01 9.43
C VAL C 60 0.68 -0.60 8.02
N ALA C 61 0.79 -1.93 7.97
CA ALA C 61 0.88 -2.67 6.73
C ALA C 61 -0.44 -2.93 6.06
N ASN C 62 -0.34 -3.05 4.75
CA ASN C 62 -1.43 -3.60 3.93
C ASN C 62 -1.05 -5.08 3.81
N PHE C 63 -1.98 -5.98 3.58
CA PHE C 63 -1.61 -7.33 3.26
C PHE C 63 -2.67 -7.95 2.43
N VAL C 64 -2.38 -9.01 1.70
CA VAL C 64 -3.39 -9.75 0.95
C VAL C 64 -3.10 -11.22 1.17
N THR C 65 -4.03 -12.12 1.38
CA THR C 65 -3.72 -13.52 1.35
C THR C 65 -4.85 -14.21 0.58
N SER C 66 -4.59 -15.27 -0.15
CA SER C 66 -5.63 -16.03 -0.80
C SER C 66 -5.27 -17.48 -0.61
N PHE C 67 -6.27 -18.32 -0.45
CA PHE C 67 -6.04 -19.73 -0.31
C PHE C 67 -7.28 -20.46 -0.80
N THR C 68 -7.14 -21.72 -1.17
CA THR C 68 -8.26 -22.57 -1.48
C THR C 68 -8.28 -23.59 -0.37
N PHE C 69 -9.46 -23.96 0.11
CA PHE C 69 -9.61 -24.95 1.16
C PHE C 69 -10.84 -25.81 0.85
N VAL C 70 -10.95 -26.95 1.53
CA VAL C 70 -12.06 -27.87 1.39
C VAL C 70 -12.42 -28.27 2.82
N ILE C 71 -13.75 -28.32 3.06
CA ILE C 71 -14.31 -28.89 4.28
C ILE C 71 -15.03 -30.14 3.75
N ASP C 72 -14.69 -31.27 4.33
CA ASP C 72 -15.18 -32.54 3.87
C ASP C 72 -15.84 -33.22 5.04
N ALA C 73 -17.15 -33.13 5.12
CA ALA C 73 -17.94 -33.71 6.20
C ALA C 73 -18.64 -34.97 5.66
N PRO C 74 -19.16 -35.92 6.48
CA PRO C 74 -19.88 -37.11 6.02
C PRO C 74 -21.21 -36.84 5.26
N ASN C 75 -21.99 -35.97 5.89
CA ASN C 75 -23.26 -35.44 5.42
C ASN C 75 -23.19 -33.97 5.81
N SER C 76 -23.92 -33.09 5.16
CA SER C 76 -23.92 -31.68 5.50
C SER C 76 -24.79 -31.33 6.71
N TYR C 77 -24.86 -32.18 7.73
CA TYR C 77 -25.60 -31.86 8.93
C TYR C 77 -24.68 -32.22 10.06
N ASN C 78 -23.89 -33.30 9.91
CA ASN C 78 -22.92 -33.72 10.92
C ASN C 78 -21.57 -33.09 10.66
N VAL C 79 -21.43 -31.78 10.90
CA VAL C 79 -20.20 -31.06 10.63
C VAL C 79 -19.90 -29.97 11.66
N ALA C 80 -18.65 -29.92 12.10
CA ALA C 80 -18.17 -28.96 13.06
C ALA C 80 -16.63 -28.94 12.98
N ASP C 81 -15.83 -28.04 13.54
CA ASP C 81 -16.29 -26.75 14.01
C ASP C 81 -16.10 -25.63 13.04
N GLY C 82 -15.05 -25.72 12.24
CA GLY C 82 -14.78 -24.71 11.22
C GLY C 82 -13.28 -24.49 11.08
N PHE C 83 -12.99 -23.42 10.39
CA PHE C 83 -11.65 -23.13 9.94
C PHE C 83 -11.36 -21.64 10.20
N THR C 84 -10.14 -21.26 10.49
CA THR C 84 -9.73 -19.88 10.69
C THR C 84 -8.43 -19.49 9.91
N PHE C 85 -8.31 -18.23 9.47
CA PHE C 85 -7.04 -17.66 9.08
C PHE C 85 -6.81 -16.67 10.23
N PHE C 86 -5.70 -16.65 10.99
CA PHE C 86 -5.52 -15.74 12.09
C PHE C 86 -4.16 -15.05 12.10
N ILE C 87 -4.09 -13.98 12.87
CA ILE C 87 -2.95 -13.08 13.04
C ILE C 87 -2.83 -13.06 14.53
N ALA C 88 -1.70 -13.45 15.08
CA ALA C 88 -1.52 -13.56 16.50
C ALA C 88 -0.10 -13.19 16.94
N PRO C 89 0.26 -12.98 18.21
CA PRO C 89 1.66 -12.87 18.63
C PRO C 89 2.59 -13.96 18.08
N VAL C 90 3.89 -13.67 17.92
CA VAL C 90 4.85 -14.60 17.35
C VAL C 90 4.92 -15.93 18.07
N ASP C 91 4.62 -15.94 19.36
CA ASP C 91 4.71 -17.14 20.17
C ASP C 91 3.43 -17.93 20.29
N THR C 92 2.42 -17.62 19.47
CA THR C 92 1.11 -18.30 19.57
C THR C 92 1.15 -19.83 19.62
N LYS C 93 0.29 -20.40 20.43
CA LYS C 93 0.24 -21.83 20.67
C LYS C 93 -1.27 -22.16 20.60
N PRO C 94 -1.73 -23.41 20.32
CA PRO C 94 -3.14 -23.77 20.32
C PRO C 94 -3.84 -23.35 21.59
N GLN C 95 -4.98 -22.68 21.44
CA GLN C 95 -5.85 -22.31 22.55
C GLN C 95 -6.99 -23.33 22.72
N THR C 96 -8.21 -23.01 23.16
CA THR C 96 -9.25 -24.03 23.30
C THR C 96 -9.75 -24.61 21.97
N GLY C 97 -10.01 -25.91 21.98
CA GLY C 97 -10.52 -26.66 20.84
C GLY C 97 -12.04 -26.51 20.63
N GLY C 98 -12.69 -27.41 19.91
CA GLY C 98 -14.13 -27.33 19.71
C GLY C 98 -14.57 -26.04 19.05
N GLY C 99 -15.58 -25.39 19.57
CA GLY C 99 -16.16 -24.23 18.91
C GLY C 99 -15.43 -22.91 18.98
N TYR C 100 -14.29 -22.99 19.69
CA TYR C 100 -13.39 -21.86 19.85
C TYR C 100 -12.30 -21.86 18.80
N LEU C 101 -12.32 -22.89 17.93
CA LEU C 101 -11.47 -22.96 16.78
C LEU C 101 -9.97 -22.90 17.04
N GLY C 102 -9.48 -23.30 18.22
CA GLY C 102 -8.06 -23.36 18.54
C GLY C 102 -7.35 -22.02 18.65
N VAL C 103 -8.11 -20.95 18.53
CA VAL C 103 -7.59 -19.62 18.48
C VAL C 103 -8.06 -18.74 19.67
N PHE C 104 -9.20 -18.98 20.34
CA PHE C 104 -9.65 -18.16 21.47
C PHE C 104 -10.09 -19.04 22.61
N ASN C 105 -10.26 -18.38 23.74
CA ASN C 105 -10.62 -19.10 24.94
C ASN C 105 -11.93 -18.62 25.57
N SER C 106 -12.50 -17.49 25.13
CA SER C 106 -13.70 -16.96 25.73
C SER C 106 -14.52 -16.18 24.73
N LYS C 107 -15.80 -16.03 25.07
CA LYS C 107 -16.66 -15.17 24.31
C LYS C 107 -16.51 -13.77 24.85
N ASP C 108 -15.78 -13.63 25.97
CA ASP C 108 -15.55 -12.35 26.65
C ASP C 108 -14.28 -11.79 26.00
N TYR C 109 -14.37 -10.52 25.56
CA TYR C 109 -13.24 -9.78 24.98
C TYR C 109 -12.02 -9.79 25.90
N ASP C 110 -10.95 -10.41 25.39
CA ASP C 110 -9.74 -10.52 26.15
C ASP C 110 -8.64 -9.81 25.43
N LYS C 111 -8.28 -8.66 25.99
CA LYS C 111 -7.24 -7.84 25.42
C LYS C 111 -5.92 -8.53 25.47
N THR C 112 -5.74 -9.60 26.24
CA THR C 112 -4.42 -10.20 26.26
C THR C 112 -4.28 -11.23 25.14
N SER C 113 -5.38 -11.58 24.47
CA SER C 113 -5.38 -12.51 23.37
C SER C 113 -4.58 -11.94 22.20
N GLN C 114 -4.78 -10.64 21.87
CA GLN C 114 -4.26 -9.97 20.69
C GLN C 114 -4.05 -10.80 19.42
N THR C 115 -5.17 -11.48 19.11
CA THR C 115 -5.33 -12.21 17.89
C THR C 115 -6.67 -11.84 17.24
N VAL C 116 -6.59 -11.66 15.92
CA VAL C 116 -7.80 -11.47 15.15
C VAL C 116 -7.83 -12.64 14.17
N ALA C 117 -8.99 -13.23 13.93
CA ALA C 117 -9.15 -14.36 13.04
C ALA C 117 -10.33 -14.08 12.13
N VAL C 118 -10.30 -14.62 10.90
CA VAL C 118 -11.45 -14.62 10.03
C VAL C 118 -11.88 -16.08 10.09
N GLU C 119 -13.08 -16.38 10.62
CA GLU C 119 -13.52 -17.75 10.78
C GLU C 119 -14.52 -18.14 9.73
N PHE C 120 -14.63 -19.42 9.50
CA PHE C 120 -15.51 -20.03 8.53
C PHE C 120 -16.06 -21.10 9.48
N ASP C 121 -17.17 -20.72 10.10
CA ASP C 121 -17.81 -21.44 11.17
C ASP C 121 -18.93 -22.35 10.66
N THR C 122 -18.84 -23.65 11.00
CA THR C 122 -19.80 -24.61 10.48
C THR C 122 -20.74 -25.11 11.54
N PHE C 123 -20.46 -24.81 12.80
CA PHE C 123 -21.28 -25.27 13.89
C PHE C 123 -21.68 -24.11 14.81
N TYR C 124 -22.99 -24.11 15.03
CA TYR C 124 -23.69 -23.09 15.81
C TYR C 124 -23.52 -23.37 17.29
N ASN C 125 -22.89 -22.45 18.01
CA ASN C 125 -22.60 -22.65 19.44
C ASN C 125 -23.53 -21.57 19.97
N THR C 126 -24.59 -21.95 20.69
CA THR C 126 -25.70 -21.03 21.00
C THR C 126 -25.34 -19.80 21.78
N ALA C 127 -24.39 -19.99 22.70
CA ALA C 127 -23.82 -18.96 23.56
C ALA C 127 -23.13 -17.82 22.86
N TRP C 128 -22.59 -17.99 21.64
CA TRP C 128 -22.01 -16.83 20.98
C TRP C 128 -22.32 -16.67 19.51
N ASP C 129 -22.86 -17.68 18.81
CA ASP C 129 -23.01 -17.52 17.38
C ASP C 129 -24.27 -16.76 16.99
N PRO C 130 -24.48 -16.32 15.73
CA PRO C 130 -25.72 -15.70 15.36
C PRO C 130 -26.86 -16.69 15.60
N SER C 131 -27.82 -16.06 16.26
CA SER C 131 -29.04 -16.66 16.76
C SER C 131 -29.76 -17.53 15.76
N ASN C 132 -29.70 -17.11 14.48
CA ASN C 132 -30.31 -17.84 13.37
C ASN C 132 -29.76 -19.22 13.10
N GLY C 133 -28.65 -19.60 13.74
CA GLY C 133 -28.12 -20.94 13.60
C GLY C 133 -27.36 -21.22 12.32
N ASP C 134 -27.27 -20.27 11.39
CA ASP C 134 -26.54 -20.48 10.16
C ASP C 134 -25.03 -20.61 10.33
N ARG C 135 -24.45 -21.18 9.25
CA ARG C 135 -23.03 -21.25 9.08
C ARG C 135 -22.71 -19.86 8.54
N HIS C 136 -21.50 -19.43 8.84
CA HIS C 136 -21.11 -18.05 8.61
C HIS C 136 -19.61 -17.89 8.62
N ILE C 137 -19.32 -16.79 7.97
CA ILE C 137 -18.01 -16.20 7.86
C ILE C 137 -18.03 -15.09 8.91
N GLY C 138 -17.06 -14.92 9.80
CA GLY C 138 -17.13 -13.83 10.76
C GLY C 138 -15.74 -13.28 11.01
N ILE C 139 -15.63 -12.05 11.51
CA ILE C 139 -14.34 -11.44 11.84
C ILE C 139 -14.23 -11.41 13.37
N ASP C 140 -13.22 -12.01 14.00
CA ASP C 140 -13.13 -12.12 15.45
C ASP C 140 -12.01 -11.31 16.03
N VAL C 141 -12.11 -10.45 17.06
CA VAL C 141 -10.92 -9.80 17.54
C VAL C 141 -11.04 -9.98 19.02
N ASN C 142 -10.06 -10.70 19.51
CA ASN C 142 -9.91 -11.06 20.90
C ASN C 142 -11.03 -11.82 21.55
N SER C 143 -12.02 -12.36 20.81
CA SER C 143 -12.98 -13.30 21.34
C SER C 143 -13.60 -14.13 20.22
N ILE C 144 -14.19 -15.29 20.54
CA ILE C 144 -14.87 -16.18 19.59
C ILE C 144 -16.21 -15.65 19.08
N LYS C 145 -16.61 -14.55 19.69
CA LYS C 145 -17.84 -13.85 19.43
C LYS C 145 -17.58 -12.88 18.29
N SER C 146 -17.98 -13.10 17.05
CA SER C 146 -17.57 -12.24 15.96
C SER C 146 -18.08 -10.84 16.10
N ILE C 147 -17.32 -9.86 15.65
CA ILE C 147 -17.80 -8.49 15.62
C ILE C 147 -18.81 -8.38 14.50
N ASN C 148 -18.78 -9.27 13.51
CA ASN C 148 -19.68 -9.20 12.37
C ASN C 148 -19.63 -10.55 11.71
N THR C 149 -20.64 -10.89 10.93
CA THR C 149 -20.88 -12.22 10.41
C THR C 149 -21.61 -12.14 9.06
N LYS C 150 -21.45 -13.08 8.13
CA LYS C 150 -22.32 -13.15 6.97
C LYS C 150 -22.66 -14.63 6.93
N SER C 151 -23.94 -14.96 6.75
CA SER C 151 -24.37 -16.33 6.58
C SER C 151 -23.71 -16.91 5.33
N TRP C 152 -23.34 -18.16 5.40
CA TRP C 152 -22.64 -18.83 4.33
C TRP C 152 -23.21 -20.25 4.30
N ALA C 153 -23.56 -20.70 3.10
CA ALA C 153 -24.02 -22.07 2.89
C ALA C 153 -22.83 -22.92 2.41
N LEU C 154 -22.40 -23.81 3.30
CA LEU C 154 -21.29 -24.72 3.08
C LEU C 154 -21.59 -25.58 1.86
N GLN C 155 -20.67 -25.84 0.93
CA GLN C 155 -20.87 -26.85 -0.09
C GLN C 155 -19.82 -27.87 0.22
N ASN C 156 -20.37 -28.88 0.85
CA ASN C 156 -19.56 -29.94 1.37
C ASN C 156 -18.71 -30.63 0.31
N GLY C 157 -17.42 -30.74 0.65
CA GLY C 157 -16.40 -31.33 -0.21
C GLY C 157 -16.04 -30.48 -1.42
N LYS C 158 -16.57 -29.26 -1.50
CA LYS C 158 -16.29 -28.34 -2.58
C LYS C 158 -15.14 -27.39 -2.18
N GLU C 159 -14.32 -26.97 -3.11
CA GLU C 159 -13.20 -26.10 -2.81
C GLU C 159 -13.79 -24.74 -2.85
N ALA C 160 -13.30 -23.94 -1.92
CA ALA C 160 -13.71 -22.59 -1.82
C ALA C 160 -12.45 -21.76 -2.04
N ASN C 161 -12.50 -20.70 -2.83
CA ASN C 161 -11.34 -19.85 -3.02
C ASN C 161 -11.56 -18.65 -2.16
N VAL C 162 -10.67 -18.25 -1.23
CA VAL C 162 -10.87 -17.03 -0.48
C VAL C 162 -9.72 -16.08 -0.57
N VAL C 163 -10.08 -14.82 -0.66
CA VAL C 163 -9.15 -13.70 -0.60
C VAL C 163 -9.57 -12.93 0.68
N ILE C 164 -8.59 -12.43 1.46
CA ILE C 164 -8.75 -11.64 2.66
C ILE C 164 -7.79 -10.50 2.42
N ALA C 165 -8.13 -9.23 2.52
CA ALA C 165 -7.21 -8.15 2.25
C ALA C 165 -7.37 -7.11 3.36
N PHE C 166 -6.35 -6.39 3.75
CA PHE C 166 -6.41 -5.33 4.73
C PHE C 166 -5.60 -4.21 4.11
N ASN C 167 -6.21 -3.03 4.21
CA ASN C 167 -5.68 -1.80 3.71
C ASN C 167 -5.53 -0.89 4.90
N ALA C 168 -4.31 -0.52 5.23
CA ALA C 168 -3.96 0.33 6.35
C ALA C 168 -4.58 1.69 6.31
N ALA C 169 -4.63 2.37 5.14
CA ALA C 169 -5.22 3.69 5.03
C ALA C 169 -6.68 3.77 5.48
N THR C 170 -7.50 2.75 5.20
CA THR C 170 -8.88 2.79 5.57
C THR C 170 -9.16 1.85 6.70
N ASN C 171 -8.15 1.20 7.29
CA ASN C 171 -8.38 0.11 8.21
C ASN C 171 -9.46 -0.90 7.79
N VAL C 172 -9.74 -1.12 6.50
CA VAL C 172 -10.79 -2.04 6.13
C VAL C 172 -10.22 -3.41 5.82
N LEU C 173 -10.80 -4.40 6.50
CA LEU C 173 -10.52 -5.80 6.29
C LEU C 173 -11.64 -6.33 5.38
N THR C 174 -11.31 -6.88 4.22
CA THR C 174 -12.26 -7.41 3.27
C THR C 174 -12.07 -8.91 3.13
N VAL C 175 -13.14 -9.69 3.29
CA VAL C 175 -13.14 -11.12 3.19
C VAL C 175 -13.99 -11.45 1.98
N SER C 176 -13.60 -12.40 1.17
CA SER C 176 -14.37 -12.80 0.02
C SER C 176 -14.25 -14.32 -0.10
N LEU C 177 -15.30 -15.12 -0.21
CA LEU C 177 -15.19 -16.54 -0.42
C LEU C 177 -15.92 -16.89 -1.71
N THR C 178 -15.42 -17.64 -2.69
CA THR C 178 -16.29 -18.00 -3.77
C THR C 178 -16.16 -19.48 -4.05
N TYR C 179 -17.28 -20.10 -4.33
CA TYR C 179 -17.39 -21.50 -4.73
C TYR C 179 -17.50 -21.38 -6.25
N PRO C 180 -16.53 -21.88 -7.03
CA PRO C 180 -16.56 -21.81 -8.49
C PRO C 180 -17.30 -22.97 -9.19
N THR D 2 -20.61 -18.68 -6.76
CA THR D 2 -21.35 -18.22 -5.61
C THR D 2 -20.34 -17.51 -4.71
N SER D 3 -20.55 -16.26 -4.33
CA SER D 3 -19.55 -15.56 -3.54
C SER D 3 -20.18 -15.04 -2.28
N TYR D 4 -19.39 -14.68 -1.29
CA TYR D 4 -19.86 -14.18 -0.01
C TYR D 4 -18.82 -13.14 0.30
N THR D 5 -19.21 -11.94 0.69
CA THR D 5 -18.21 -10.93 0.99
C THR D 5 -18.53 -10.30 2.32
N LEU D 6 -17.55 -9.89 3.13
CA LEU D 6 -17.77 -9.26 4.41
C LEU D 6 -16.68 -8.19 4.44
N ASN D 7 -16.95 -6.99 4.93
CA ASN D 7 -15.93 -5.95 4.98
C ASN D 7 -16.11 -5.35 6.34
N GLU D 8 -15.07 -5.00 7.06
CA GLU D 8 -15.24 -4.33 8.32
C GLU D 8 -14.05 -3.43 8.53
N VAL D 9 -14.17 -2.43 9.39
CA VAL D 9 -13.05 -1.56 9.73
C VAL D 9 -12.41 -2.23 10.95
N VAL D 10 -11.18 -2.73 10.90
CA VAL D 10 -10.59 -3.23 12.11
C VAL D 10 -9.21 -2.57 12.15
N PRO D 11 -8.96 -1.61 13.07
CA PRO D 11 -7.69 -0.93 13.24
C PRO D 11 -6.72 -1.86 13.97
N LEU D 12 -6.12 -2.73 13.18
CA LEU D 12 -5.20 -3.77 13.62
C LEU D 12 -4.16 -3.35 14.62
N LYS D 13 -3.70 -2.12 14.47
CA LYS D 13 -2.73 -1.55 15.37
C LYS D 13 -3.22 -1.51 16.81
N GLU D 14 -4.51 -1.49 17.09
CA GLU D 14 -4.98 -1.44 18.46
C GLU D 14 -5.01 -2.82 19.05
N PHE D 15 -5.02 -3.83 18.20
CA PHE D 15 -5.22 -5.20 18.64
C PHE D 15 -4.04 -6.14 18.58
N VAL D 16 -3.12 -6.09 17.61
CA VAL D 16 -2.12 -7.15 17.50
C VAL D 16 -0.77 -6.54 17.77
N PRO D 17 0.26 -7.27 18.28
CA PRO D 17 1.59 -6.74 18.43
C PRO D 17 2.20 -6.26 17.10
N GLU D 18 3.40 -5.67 17.12
CA GLU D 18 4.07 -5.15 15.94
C GLU D 18 4.51 -6.25 15.00
N TRP D 19 4.96 -7.33 15.60
CA TRP D 19 5.38 -8.52 14.89
C TRP D 19 4.36 -9.62 15.19
N VAL D 20 3.89 -10.32 14.18
CA VAL D 20 2.91 -11.38 14.35
C VAL D 20 3.31 -12.63 13.55
N ARG D 21 2.70 -13.79 13.80
CA ARG D 21 2.84 -14.92 12.90
C ARG D 21 1.43 -15.11 12.40
N ILE D 22 1.22 -15.50 11.15
CA ILE D 22 -0.12 -15.67 10.58
C ILE D 22 -0.29 -17.16 10.36
N GLY D 23 -1.49 -17.65 10.15
CA GLY D 23 -1.67 -19.04 9.95
C GLY D 23 -3.13 -19.44 9.92
N PHE D 24 -3.37 -20.75 9.98
CA PHE D 24 -4.67 -21.36 9.84
C PHE D 24 -4.81 -22.23 11.03
N SER D 25 -6.07 -22.36 11.39
CA SER D 25 -6.45 -23.18 12.52
C SER D 25 -7.75 -23.92 12.19
N ALA D 26 -7.97 -25.13 12.70
CA ALA D 26 -9.24 -25.81 12.51
C ALA D 26 -9.37 -26.83 13.59
N THR D 27 -10.63 -27.07 13.96
CA THR D 27 -10.93 -27.96 15.05
C THR D 27 -12.17 -28.79 14.73
N THR D 28 -12.36 -29.82 15.54
CA THR D 28 -13.57 -30.63 15.55
C THR D 28 -13.95 -30.71 17.04
N GLY D 29 -15.13 -31.20 17.35
CA GLY D 29 -15.49 -31.36 18.73
C GLY D 29 -16.26 -32.65 18.82
N ALA D 30 -17.47 -32.55 19.32
CA ALA D 30 -18.31 -33.72 19.43
C ALA D 30 -18.68 -34.10 18.01
N GLU D 31 -18.85 -33.12 17.10
CA GLU D 31 -19.11 -33.42 15.70
C GLU D 31 -17.83 -33.08 14.93
N PHE D 32 -17.61 -33.54 13.70
CA PHE D 32 -16.32 -33.39 12.99
C PHE D 32 -16.43 -33.20 11.48
N ALA D 33 -15.33 -32.84 10.81
CA ALA D 33 -15.20 -32.74 9.36
C ALA D 33 -13.69 -32.72 9.06
N ALA D 34 -13.17 -33.13 7.90
CA ALA D 34 -11.76 -33.00 7.59
C ALA D 34 -11.62 -31.56 7.13
N HIS D 35 -10.55 -30.85 7.48
CA HIS D 35 -10.37 -29.47 7.03
C HIS D 35 -9.01 -29.39 6.34
N GLU D 36 -8.94 -28.96 5.08
CA GLU D 36 -7.67 -29.03 4.33
C GLU D 36 -7.42 -27.80 3.47
N VAL D 37 -6.22 -27.31 3.31
CA VAL D 37 -5.91 -26.13 2.55
C VAL D 37 -5.13 -26.71 1.37
N LEU D 38 -5.42 -26.23 0.16
CA LEU D 38 -4.81 -26.70 -1.08
C LEU D 38 -3.73 -25.80 -1.67
N SER D 39 -3.81 -24.49 -1.44
CA SER D 39 -2.81 -23.56 -1.90
C SER D 39 -2.87 -22.32 -1.00
N TRP D 40 -1.90 -21.41 -0.97
CA TRP D 40 -1.87 -20.26 -0.06
C TRP D 40 -0.87 -19.24 -0.62
N TYR D 41 -1.28 -18.00 -0.86
CA TYR D 41 -0.46 -16.91 -1.32
C TYR D 41 -0.53 -15.83 -0.25
N PHE D 42 0.54 -15.16 0.12
CA PHE D 42 0.49 -14.12 1.13
C PHE D 42 1.37 -13.02 0.68
N HIS D 43 1.10 -11.73 0.95
CA HIS D 43 1.97 -10.61 0.63
C HIS D 43 1.69 -9.51 1.64
N SER D 44 2.64 -8.96 2.38
CA SER D 44 2.39 -7.77 3.20
C SER D 44 3.41 -6.70 2.85
N GLU D 45 3.16 -5.43 3.06
CA GLU D 45 4.08 -4.40 2.72
C GLU D 45 3.89 -3.34 3.79
N LEU D 46 4.94 -2.79 4.36
CA LEU D 46 4.89 -1.86 5.46
C LEU D 46 5.87 -0.79 5.12
N ALA D 47 5.34 0.41 4.92
CA ALA D 47 6.17 1.56 4.69
C ALA D 47 6.96 1.95 5.94
N GLY D 48 8.13 2.51 5.62
CA GLY D 48 9.14 2.89 6.61
C GLY D 48 9.53 4.34 6.34
N THR E 1 -24.80 8.69 -5.41
CA THR E 1 -23.64 8.78 -4.52
C THR E 1 -22.41 9.30 -5.18
N GLU E 2 -21.84 10.25 -4.47
CA GLU E 2 -20.61 10.90 -4.85
C GLU E 2 -19.86 11.05 -3.55
N THR E 3 -18.60 10.69 -3.55
CA THR E 3 -17.73 10.73 -2.40
C THR E 3 -16.44 11.49 -2.86
N THR E 4 -15.87 12.33 -2.00
CA THR E 4 -14.57 12.93 -2.22
C THR E 4 -13.80 12.73 -0.92
N SER E 5 -12.58 12.20 -0.99
CA SER E 5 -11.79 12.06 0.21
C SER E 5 -10.34 12.36 -0.15
N PHE E 6 -9.55 12.81 0.82
CA PHE E 6 -8.11 12.94 0.67
C PHE E 6 -7.49 12.99 2.04
N SER E 7 -6.19 12.73 2.18
CA SER E 7 -5.51 12.90 3.42
C SER E 7 -4.13 13.36 3.05
N ILE E 8 -3.55 14.30 3.79
CA ILE E 8 -2.21 14.80 3.57
C ILE E 8 -1.71 14.82 5.00
N THR E 9 -0.96 13.82 5.38
CA THR E 9 -0.38 13.66 6.69
C THR E 9 0.80 14.56 6.96
N LYS E 10 1.46 15.06 5.94
CA LYS E 10 2.62 15.93 6.01
C LYS E 10 2.62 16.63 4.66
N PHE E 11 2.84 17.92 4.60
CA PHE E 11 2.86 18.70 3.37
C PHE E 11 4.26 18.76 2.75
N GLY E 12 4.37 18.66 1.43
CA GLY E 12 5.68 18.70 0.81
C GLY E 12 5.75 19.96 -0.03
N PRO E 13 6.90 20.31 -0.62
CA PRO E 13 7.06 21.55 -1.36
C PRO E 13 6.32 21.69 -2.67
N ASP E 14 5.90 20.65 -3.43
CA ASP E 14 5.02 20.98 -4.53
C ASP E 14 3.80 20.14 -4.21
N GLN E 15 2.91 20.79 -3.48
CA GLN E 15 1.67 20.15 -3.12
C GLN E 15 0.72 20.57 -4.22
N GLN E 16 0.70 19.94 -5.39
CA GLN E 16 -0.09 20.39 -6.53
C GLN E 16 -1.57 20.20 -6.48
N ASN E 17 -2.05 19.44 -5.52
CA ASN E 17 -3.47 19.29 -5.40
C ASN E 17 -4.02 20.37 -4.44
N LEU E 18 -3.26 21.40 -4.05
CA LEU E 18 -3.80 22.52 -3.28
C LEU E 18 -3.75 23.78 -4.15
N ILE E 19 -4.57 24.79 -3.97
CA ILE E 19 -4.55 26.05 -4.67
C ILE E 19 -4.16 26.99 -3.56
N PHE E 20 -3.15 27.78 -3.79
CA PHE E 20 -2.60 28.72 -2.80
C PHE E 20 -3.08 30.11 -3.09
N GLN E 21 -3.41 30.95 -2.13
CA GLN E 21 -3.80 32.32 -2.39
C GLN E 21 -3.08 33.17 -1.35
N GLY E 22 -2.85 34.44 -1.67
CA GLY E 22 -2.12 35.32 -0.81
C GLY E 22 -0.74 34.76 -0.58
N ASP E 23 -0.36 34.67 0.68
CA ASP E 23 0.95 34.22 1.08
C ASP E 23 1.07 32.76 1.47
N GLY E 24 0.03 31.94 1.31
CA GLY E 24 0.12 30.57 1.77
C GLY E 24 1.07 29.82 0.90
N TYR E 25 1.90 29.03 1.52
CA TYR E 25 2.76 28.17 0.77
C TYR E 25 3.05 26.99 1.62
N THR E 26 3.58 25.98 0.99
CA THR E 26 3.90 24.79 1.71
C THR E 26 5.38 24.92 1.91
N THR E 27 5.87 24.28 2.96
CA THR E 27 7.20 24.55 3.37
C THR E 27 7.99 23.30 3.72
N LYS E 28 7.70 22.07 3.24
CA LYS E 28 8.35 20.82 3.70
C LYS E 28 7.67 20.58 5.03
N GLU E 29 7.14 19.38 5.24
CA GLU E 29 6.21 19.10 6.34
C GLU E 29 5.05 20.07 6.52
N ARG E 30 5.05 21.41 6.42
CA ARG E 30 3.89 22.20 6.82
C ARG E 30 3.30 23.14 5.81
N LEU E 31 2.02 23.41 5.93
CA LEU E 31 1.35 24.39 5.09
C LEU E 31 1.50 25.68 5.90
N THR E 32 2.16 26.76 5.52
CA THR E 32 2.14 27.95 6.35
C THR E 32 1.26 28.96 5.62
N LEU E 33 0.24 29.39 6.36
CA LEU E 33 -0.73 30.31 5.83
C LEU E 33 -0.28 31.75 6.00
N THR E 34 0.34 32.05 7.13
CA THR E 34 0.86 33.37 7.41
C THR E 34 2.17 33.16 8.17
N LYS E 35 3.18 33.97 7.85
CA LYS E 35 4.39 34.02 8.67
C LYS E 35 4.10 35.03 9.78
N ALA E 36 4.92 35.13 10.83
CA ALA E 36 4.65 36.07 11.93
C ALA E 36 4.93 37.50 11.51
N VAL E 37 4.18 38.02 10.55
CA VAL E 37 4.43 39.31 9.97
C VAL E 37 3.10 40.02 9.96
N ARG E 38 3.10 41.32 9.86
CA ARG E 38 1.88 42.05 10.02
C ARG E 38 1.21 42.32 8.69
N ASN E 39 -0.09 42.43 8.80
CA ASN E 39 -0.97 42.65 7.67
C ASN E 39 -0.93 41.69 6.46
N THR E 40 -0.94 40.37 6.64
CA THR E 40 -0.99 39.41 5.52
C THR E 40 -2.22 38.50 5.59
N VAL E 41 -2.46 37.77 4.50
CA VAL E 41 -3.59 36.88 4.24
C VAL E 41 -2.93 35.70 3.55
N GLY E 42 -3.24 34.49 3.93
CA GLY E 42 -2.77 33.35 3.18
C GLY E 42 -3.96 32.43 3.12
N ARG E 43 -4.21 31.71 2.03
CA ARG E 43 -5.32 30.77 1.94
C ARG E 43 -4.81 29.58 1.13
N ALA E 44 -5.36 28.40 1.35
CA ALA E 44 -4.98 27.17 0.64
C ALA E 44 -6.29 26.44 0.49
N LEU E 45 -6.69 25.97 -0.70
CA LEU E 45 -7.98 25.32 -0.96
C LEU E 45 -7.69 23.97 -1.61
N TYR E 46 -8.49 22.94 -1.39
CA TYR E 46 -8.31 21.68 -2.08
C TYR E 46 -8.69 21.92 -3.55
N SER E 47 -7.92 21.35 -4.47
CA SER E 47 -8.14 21.65 -5.87
C SER E 47 -9.46 21.15 -6.39
N SER E 48 -9.99 20.02 -5.99
CA SER E 48 -11.25 19.58 -6.55
C SER E 48 -12.49 20.30 -5.97
N PRO E 49 -13.49 20.77 -6.76
CA PRO E 49 -14.83 21.14 -6.29
C PRO E 49 -15.45 19.99 -5.53
N ILE E 50 -16.18 20.20 -4.44
CA ILE E 50 -16.80 19.07 -3.83
C ILE E 50 -18.29 19.37 -3.91
N HIS E 51 -19.08 18.32 -4.15
CA HIS E 51 -20.50 18.45 -4.35
C HIS E 51 -21.07 18.38 -2.95
N ILE E 52 -21.46 19.51 -2.37
CA ILE E 52 -21.97 19.52 -0.99
C ILE E 52 -23.49 19.27 -1.00
N TRP E 53 -24.29 19.70 -1.96
CA TRP E 53 -25.71 19.32 -1.98
C TRP E 53 -26.13 19.40 -3.43
N ASP E 54 -27.32 18.91 -3.70
CA ASP E 54 -27.79 18.67 -5.05
C ASP E 54 -29.15 19.30 -5.22
N SER E 55 -29.39 20.16 -6.19
CA SER E 55 -30.72 20.74 -6.38
C SER E 55 -31.72 19.74 -6.96
N LYS E 56 -31.34 18.83 -7.86
CA LYS E 56 -32.30 17.85 -8.37
C LYS E 56 -33.01 17.04 -7.28
N THR E 57 -32.22 16.70 -6.25
CA THR E 57 -32.58 15.83 -5.16
C THR E 57 -32.92 16.53 -3.86
N GLY E 58 -32.24 17.61 -3.52
CA GLY E 58 -32.38 18.23 -2.22
C GLY E 58 -31.50 17.55 -1.19
N ASN E 59 -30.82 16.45 -1.52
CA ASN E 59 -29.87 15.80 -0.61
C ASN E 59 -28.66 16.67 -0.37
N VAL E 60 -28.10 16.57 0.83
CA VAL E 60 -26.92 17.33 1.14
C VAL E 60 -25.99 16.33 1.82
N ALA E 61 -24.71 16.62 1.65
CA ALA E 61 -23.69 15.69 2.05
C ALA E 61 -23.43 15.70 3.55
N ASN E 62 -22.97 14.53 3.89
CA ASN E 62 -22.36 14.35 5.18
C ASN E 62 -20.86 14.54 4.98
N PHE E 63 -20.10 15.17 5.88
CA PHE E 63 -18.68 15.30 5.73
C PHE E 63 -17.98 15.38 7.06
N VAL E 64 -16.71 15.00 7.06
CA VAL E 64 -15.87 15.16 8.25
C VAL E 64 -14.50 15.62 7.78
N THR E 65 -13.85 16.46 8.57
CA THR E 65 -12.51 16.89 8.25
C THR E 65 -11.76 17.04 9.56
N SER E 66 -10.52 16.59 9.59
CA SER E 66 -9.68 16.86 10.73
C SER E 66 -8.38 17.44 10.26
N PHE E 67 -7.75 18.21 11.13
CA PHE E 67 -6.48 18.82 10.84
C PHE E 67 -5.77 19.17 12.11
N THR E 68 -4.44 19.33 12.09
CA THR E 68 -3.83 19.85 13.28
C THR E 68 -3.13 21.09 12.81
N PHE E 69 -3.22 22.15 13.62
CA PHE E 69 -2.62 23.41 13.25
C PHE E 69 -1.78 23.94 14.42
N VAL E 70 -0.96 25.00 14.25
CA VAL E 70 -0.14 25.59 15.30
C VAL E 70 -0.30 27.08 15.09
N ILE E 71 -0.49 27.89 16.14
CA ILE E 71 -0.46 29.34 16.05
C ILE E 71 0.76 29.64 16.92
N ASP E 72 1.68 30.42 16.37
CA ASP E 72 2.92 30.73 17.02
C ASP E 72 3.08 32.23 16.98
N ALA E 73 2.82 32.80 18.13
CA ALA E 73 2.90 34.23 18.34
C ALA E 73 4.23 34.64 18.99
N PRO E 74 4.68 35.89 18.81
CA PRO E 74 5.81 36.46 19.55
C PRO E 74 5.55 36.32 21.05
N ASN E 75 4.31 36.51 21.54
CA ASN E 75 3.99 36.26 22.94
C ASN E 75 2.47 36.08 23.08
N SER E 76 1.99 35.64 24.24
CA SER E 76 0.59 35.38 24.49
C SER E 76 -0.28 36.60 24.58
N TYR E 77 0.27 37.81 24.50
CA TYR E 77 -0.56 38.98 24.73
C TYR E 77 -0.91 39.61 23.40
N ASN E 78 0.04 39.60 22.46
CA ASN E 78 -0.17 40.24 21.17
C ASN E 78 -0.26 39.21 20.08
N VAL E 79 -1.45 38.68 19.91
CA VAL E 79 -1.72 37.62 18.94
C VAL E 79 -2.85 38.15 18.04
N ALA E 80 -2.77 38.07 16.72
CA ALA E 80 -3.92 38.37 15.89
C ALA E 80 -3.68 37.64 14.57
N ASP E 81 -4.57 37.45 13.60
CA ASP E 81 -6.00 37.55 13.81
C ASP E 81 -6.74 36.25 13.98
N GLY E 82 -6.17 35.13 13.52
CA GLY E 82 -6.83 33.86 13.69
C GLY E 82 -6.75 33.06 12.42
N PHE E 83 -7.50 31.99 12.35
CA PHE E 83 -7.43 31.00 11.30
C PHE E 83 -8.85 30.48 11.08
N THR E 84 -9.19 29.97 9.91
CA THR E 84 -10.53 29.56 9.54
C THR E 84 -10.48 28.26 8.73
N PHE E 85 -11.41 27.32 8.86
CA PHE E 85 -11.62 26.30 7.84
C PHE E 85 -12.84 26.90 7.12
N PHE E 86 -13.00 27.02 5.80
CA PHE E 86 -14.22 27.57 5.23
C PHE E 86 -14.69 26.75 4.04
N ILE E 87 -15.96 26.93 3.64
CA ILE E 87 -16.64 26.27 2.53
C ILE E 87 -17.12 27.49 1.74
N ALA E 88 -16.79 27.62 0.47
CA ALA E 88 -17.06 28.82 -0.27
C ALA E 88 -17.34 28.50 -1.71
N PRO E 89 -17.82 29.38 -2.59
CA PRO E 89 -17.91 29.14 -4.01
C PRO E 89 -16.63 28.59 -4.64
N VAL E 90 -16.74 27.74 -5.66
CA VAL E 90 -15.61 27.13 -6.33
C VAL E 90 -14.59 28.17 -6.74
N ASP E 91 -14.95 29.37 -7.19
CA ASP E 91 -13.98 30.35 -7.63
C ASP E 91 -13.62 31.42 -6.60
N THR E 92 -13.83 31.12 -5.31
CA THR E 92 -13.51 32.03 -4.20
C THR E 92 -12.12 32.67 -4.21
N LYS E 93 -12.04 33.99 -4.04
CA LYS E 93 -10.80 34.72 -3.94
C LYS E 93 -10.71 35.39 -2.54
N PRO E 94 -9.55 35.81 -1.98
CA PRO E 94 -9.40 36.39 -0.63
C PRO E 94 -10.26 37.61 -0.50
N GLN E 95 -10.92 37.66 0.64
CA GLN E 95 -11.80 38.76 0.96
C GLN E 95 -11.05 39.70 1.90
N THR E 96 -11.65 40.60 2.71
CA THR E 96 -10.90 41.51 3.56
C THR E 96 -10.04 40.78 4.59
N GLY E 97 -8.83 41.28 4.80
CA GLY E 97 -7.87 40.72 5.73
C GLY E 97 -8.02 41.26 7.15
N GLY E 98 -6.95 41.15 7.94
CA GLY E 98 -6.99 41.57 9.34
C GLY E 98 -8.09 40.85 10.08
N GLY E 99 -8.93 41.53 10.83
CA GLY E 99 -9.99 40.90 11.59
C GLY E 99 -11.07 40.26 10.79
N TYR E 100 -11.12 40.45 9.45
CA TYR E 100 -12.12 39.80 8.60
C TYR E 100 -11.74 38.40 8.13
N LEU E 101 -10.54 38.00 8.56
CA LEU E 101 -9.94 36.68 8.38
C LEU E 101 -9.82 36.18 6.96
N GLY E 102 -9.92 37.06 5.96
CA GLY E 102 -9.69 36.73 4.55
C GLY E 102 -10.87 36.07 3.88
N VAL E 103 -11.98 36.02 4.60
CA VAL E 103 -13.12 35.22 4.17
C VAL E 103 -14.36 36.07 4.10
N PHE E 104 -14.41 37.15 4.85
CA PHE E 104 -15.60 37.97 4.85
C PHE E 104 -15.19 39.40 4.68
N ASN E 105 -16.16 40.25 4.39
CA ASN E 105 -15.94 41.69 4.20
C ASN E 105 -16.80 42.53 5.13
N SER E 106 -17.71 41.95 5.91
CA SER E 106 -18.65 42.70 6.72
C SER E 106 -19.11 41.96 7.97
N LYS E 107 -19.58 42.76 8.95
CA LYS E 107 -20.20 42.21 10.14
C LYS E 107 -21.68 42.01 9.93
N ASP E 108 -22.23 42.58 8.86
CA ASP E 108 -23.63 42.41 8.54
C ASP E 108 -23.78 41.16 7.70
N TYR E 109 -24.96 40.55 7.70
CA TYR E 109 -25.20 39.35 6.92
C TYR E 109 -25.26 39.68 5.44
N ASP E 110 -24.40 39.04 4.67
CA ASP E 110 -24.36 39.27 3.24
C ASP E 110 -24.65 37.96 2.55
N LYS E 111 -25.85 37.89 2.06
CA LYS E 111 -26.33 36.71 1.37
C LYS E 111 -25.47 36.31 0.17
N THR E 112 -24.95 37.30 -0.53
CA THR E 112 -24.18 37.01 -1.71
C THR E 112 -22.85 36.35 -1.37
N SER E 113 -22.45 36.37 -0.11
CA SER E 113 -21.22 35.75 0.27
C SER E 113 -21.11 34.24 0.01
N GLN E 114 -22.17 33.46 0.30
CA GLN E 114 -22.17 32.01 0.24
C GLN E 114 -20.92 31.33 0.81
N THR E 115 -20.50 31.82 1.98
CA THR E 115 -19.37 31.30 2.73
C THR E 115 -19.76 31.03 4.17
N VAL E 116 -19.48 29.81 4.66
CA VAL E 116 -19.60 29.53 6.07
C VAL E 116 -18.20 29.08 6.43
N ALA E 117 -17.77 29.57 7.58
CA ALA E 117 -16.43 29.37 8.05
C ALA E 117 -16.49 28.98 9.52
N VAL E 118 -15.55 28.16 9.99
CA VAL E 118 -15.41 27.80 11.40
C VAL E 118 -14.10 28.52 11.76
N GLU E 119 -14.13 29.54 12.62
CA GLU E 119 -12.99 30.38 12.92
C GLU E 119 -12.39 30.08 14.26
N PHE E 120 -11.12 30.34 14.37
CA PHE E 120 -10.34 30.18 15.57
C PHE E 120 -9.69 31.56 15.68
N ASP E 121 -10.41 32.44 16.36
CA ASP E 121 -10.15 33.85 16.45
C ASP E 121 -9.37 34.29 17.70
N THR E 122 -8.18 34.85 17.51
CA THR E 122 -7.29 35.18 18.59
C THR E 122 -7.17 36.66 18.92
N PHE E 123 -8.06 37.49 18.38
CA PHE E 123 -8.03 38.94 18.58
C PHE E 123 -9.46 39.47 18.58
N TYR E 124 -9.62 40.27 19.64
CA TYR E 124 -10.88 40.92 19.93
C TYR E 124 -11.11 42.19 19.13
N ASN E 125 -12.08 42.10 18.23
CA ASN E 125 -12.39 43.24 17.40
C ASN E 125 -13.66 43.69 18.09
N THR E 126 -13.62 44.77 18.87
CA THR E 126 -14.76 45.21 19.68
C THR E 126 -16.06 45.39 18.87
N ALA E 127 -15.92 45.70 17.57
CA ALA E 127 -17.07 45.88 16.70
C ALA E 127 -17.92 44.63 16.42
N TRP E 128 -17.42 43.38 16.49
CA TRP E 128 -18.30 42.26 16.27
C TRP E 128 -18.02 41.09 17.17
N ASP E 129 -16.84 41.02 17.80
CA ASP E 129 -16.51 39.87 18.64
C ASP E 129 -17.20 39.80 20.00
N PRO E 130 -17.22 38.65 20.69
CA PRO E 130 -17.80 38.51 22.01
C PRO E 130 -17.13 39.54 22.89
N SER E 131 -18.02 40.27 23.55
CA SER E 131 -17.62 41.38 24.41
C SER E 131 -16.83 40.99 25.64
N ASN E 132 -16.91 39.74 26.10
CA ASN E 132 -16.06 39.31 27.18
C ASN E 132 -14.59 39.28 26.75
N GLY E 133 -14.33 39.52 25.46
CA GLY E 133 -12.99 39.70 24.91
C GLY E 133 -12.17 38.43 24.81
N ASP E 134 -12.72 37.23 25.04
CA ASP E 134 -11.93 36.01 24.95
C ASP E 134 -11.59 35.60 23.53
N ARG E 135 -10.51 34.82 23.40
CA ARG E 135 -10.17 34.15 22.15
C ARG E 135 -11.26 33.09 22.02
N HIS E 136 -11.61 32.65 20.81
CA HIS E 136 -12.80 31.82 20.66
C HIS E 136 -12.85 31.17 19.32
N ILE E 137 -13.63 30.10 19.35
CA ILE E 137 -13.96 29.30 18.18
C ILE E 137 -15.30 29.88 17.78
N GLY E 138 -15.62 30.12 16.52
CA GLY E 138 -16.97 30.57 16.15
C GLY E 138 -17.46 29.87 14.90
N ILE E 139 -18.75 29.81 14.65
CA ILE E 139 -19.29 29.36 13.39
C ILE E 139 -19.80 30.62 12.68
N ASP E 140 -19.24 30.96 11.53
CA ASP E 140 -19.58 32.14 10.77
C ASP E 140 -20.38 31.77 9.54
N VAL E 141 -21.51 32.41 9.27
CA VAL E 141 -22.24 32.17 8.06
C VAL E 141 -22.72 33.49 7.48
N ASN E 142 -21.98 33.81 6.39
CA ASN E 142 -22.13 34.98 5.52
C ASN E 142 -21.85 36.27 6.22
N SER E 143 -21.05 36.24 7.28
CA SER E 143 -20.69 37.38 8.10
C SER E 143 -19.54 37.03 9.05
N ILE E 144 -18.73 38.01 9.45
CA ILE E 144 -17.65 37.81 10.41
C ILE E 144 -18.11 37.79 11.88
N LYS E 145 -19.39 38.07 12.09
CA LYS E 145 -19.95 38.12 13.43
C LYS E 145 -20.54 36.73 13.52
N SER E 146 -19.92 35.90 14.35
CA SER E 146 -20.34 34.51 14.46
C SER E 146 -21.81 34.32 14.85
N ILE E 147 -22.41 33.20 14.49
CA ILE E 147 -23.71 32.84 15.04
C ILE E 147 -23.59 32.12 16.39
N ASN E 148 -22.46 31.49 16.70
CA ASN E 148 -22.26 30.82 17.97
C ASN E 148 -20.76 30.87 18.22
N THR E 149 -20.28 31.07 19.44
CA THR E 149 -18.85 31.08 19.72
C THR E 149 -18.59 30.27 21.00
N LYS E 150 -17.35 29.96 21.38
CA LYS E 150 -17.04 29.14 22.53
C LYS E 150 -15.64 29.61 22.89
N SER E 151 -15.44 30.14 24.08
CA SER E 151 -14.12 30.63 24.44
C SER E 151 -13.10 29.51 24.49
N TRP E 152 -11.89 29.90 24.07
CA TRP E 152 -10.81 28.98 23.92
C TRP E 152 -9.56 29.56 24.51
N ALA E 153 -8.80 28.82 25.29
CA ALA E 153 -7.56 29.40 25.74
C ALA E 153 -6.47 28.82 24.80
N LEU E 154 -5.89 29.75 24.03
CA LEU E 154 -4.86 29.47 23.06
C LEU E 154 -3.64 28.96 23.82
N GLN E 155 -3.05 27.85 23.41
CA GLN E 155 -1.78 27.46 23.96
C GLN E 155 -0.74 27.79 22.86
N ASN E 156 -0.04 28.90 23.07
CA ASN E 156 0.87 29.44 22.08
C ASN E 156 1.94 28.46 21.69
N GLY E 157 2.17 28.29 20.38
CA GLY E 157 3.15 27.35 19.91
C GLY E 157 2.74 25.89 20.00
N LYS E 158 1.63 25.43 20.59
CA LYS E 158 1.30 24.01 20.71
C LYS E 158 0.37 23.55 19.63
N GLU E 159 0.42 22.29 19.26
CA GLU E 159 -0.46 21.90 18.19
C GLU E 159 -1.77 21.37 18.72
N ALA E 160 -2.82 21.79 18.01
CA ALA E 160 -4.18 21.49 18.38
C ALA E 160 -4.79 20.58 17.34
N ASN E 161 -5.59 19.59 17.66
CA ASN E 161 -6.18 18.73 16.64
C ASN E 161 -7.62 19.16 16.55
N VAL E 162 -8.20 19.35 15.37
CA VAL E 162 -9.58 19.81 15.27
C VAL E 162 -10.34 18.75 14.49
N VAL E 163 -11.59 18.45 14.81
CA VAL E 163 -12.44 17.62 14.00
C VAL E 163 -13.65 18.51 13.73
N ILE E 164 -14.13 18.65 12.49
CA ILE E 164 -15.35 19.38 12.22
C ILE E 164 -16.22 18.35 11.53
N ALA E 165 -17.46 18.11 11.92
CA ALA E 165 -18.29 17.10 11.29
C ALA E 165 -19.61 17.72 10.91
N PHE E 166 -20.25 17.29 9.83
CA PHE E 166 -21.57 17.80 9.49
C PHE E 166 -22.41 16.59 9.24
N ASN E 167 -23.55 16.57 9.92
CA ASN E 167 -24.44 15.44 9.88
C ASN E 167 -25.61 15.99 9.16
N ALA E 168 -25.80 15.56 7.95
CA ALA E 168 -26.84 16.07 7.09
C ALA E 168 -28.25 15.71 7.57
N ALA E 169 -28.41 14.64 8.35
CA ALA E 169 -29.74 14.26 8.82
C ALA E 169 -30.28 15.32 9.78
N THR E 170 -29.45 15.93 10.62
CA THR E 170 -29.92 16.95 11.56
C THR E 170 -29.46 18.36 11.28
N ASN E 171 -28.66 18.49 10.22
CA ASN E 171 -27.91 19.68 9.85
C ASN E 171 -27.06 20.17 11.00
N VAL E 172 -26.56 19.33 11.91
CA VAL E 172 -25.73 19.89 12.97
C VAL E 172 -24.27 19.82 12.49
N LEU E 173 -23.62 20.96 12.72
CA LEU E 173 -22.20 21.14 12.49
C LEU E 173 -21.57 21.05 13.87
N THR E 174 -20.56 20.21 14.01
CA THR E 174 -19.87 19.93 15.26
C THR E 174 -18.41 20.32 15.14
N VAL E 175 -17.80 21.02 16.09
CA VAL E 175 -16.38 21.28 16.00
C VAL E 175 -15.69 20.98 17.30
N SER E 176 -14.62 20.18 17.43
CA SER E 176 -13.94 20.12 18.72
C SER E 176 -12.49 20.42 18.50
N LEU E 177 -11.83 21.15 19.40
CA LEU E 177 -10.42 21.46 19.33
C LEU E 177 -9.94 20.72 20.56
N THR E 178 -8.84 19.99 20.44
CA THR E 178 -8.19 19.30 21.54
C THR E 178 -6.68 19.61 21.65
N TYR E 179 -6.16 19.82 22.86
CA TYR E 179 -4.72 19.87 23.11
C TYR E 179 -4.49 18.61 23.94
N PRO E 180 -3.40 17.82 23.84
CA PRO E 180 -3.06 16.70 24.76
C PRO E 180 -2.81 16.90 26.27
N GLU F 1 -6.44 16.05 28.65
CA GLU F 1 -6.50 16.72 27.36
C GLU F 1 -7.35 17.94 27.63
N THR F 2 -7.17 19.06 26.95
CA THR F 2 -8.02 20.20 27.10
C THR F 2 -8.83 20.20 25.83
N SER F 3 -10.15 20.17 25.89
CA SER F 3 -10.96 20.10 24.70
C SER F 3 -11.97 21.20 24.72
N TYR F 4 -12.38 21.71 23.56
CA TYR F 4 -13.38 22.76 23.45
C TYR F 4 -14.27 22.25 22.36
N THR F 5 -15.59 22.27 22.54
CA THR F 5 -16.52 21.79 21.54
C THR F 5 -17.60 22.84 21.27
N LEU F 6 -18.16 22.89 20.07
CA LEU F 6 -19.23 23.79 19.74
C LEU F 6 -20.10 23.03 18.76
N ASN F 7 -21.40 23.11 18.85
CA ASN F 7 -22.30 22.47 17.90
C ASN F 7 -23.32 23.52 17.48
N GLU F 8 -23.79 23.58 16.23
CA GLU F 8 -24.78 24.56 15.81
C GLU F 8 -25.54 23.98 14.64
N VAL F 9 -26.85 24.18 14.51
CA VAL F 9 -27.59 23.66 13.37
C VAL F 9 -27.37 24.66 12.24
N VAL F 10 -26.73 24.24 11.15
CA VAL F 10 -26.50 25.15 10.04
C VAL F 10 -27.04 24.44 8.81
N PRO F 11 -28.21 24.75 8.24
CA PRO F 11 -28.70 24.16 7.01
C PRO F 11 -27.94 24.66 5.78
N LEU F 12 -26.83 24.01 5.52
CA LEU F 12 -25.88 24.39 4.49
C LEU F 12 -26.47 24.72 3.14
N LYS F 13 -27.52 24.02 2.68
CA LYS F 13 -28.12 24.26 1.38
C LYS F 13 -28.68 25.64 1.26
N GLU F 14 -28.97 26.32 2.35
CA GLU F 14 -29.52 27.65 2.25
C GLU F 14 -28.43 28.67 2.07
N PHE F 15 -27.21 28.30 2.39
CA PHE F 15 -26.15 29.26 2.45
C PHE F 15 -25.07 29.16 1.40
N VAL F 16 -24.76 27.96 0.95
CA VAL F 16 -23.59 27.74 0.11
C VAL F 16 -24.05 27.14 -1.22
N PRO F 17 -23.37 27.29 -2.37
CA PRO F 17 -23.83 26.69 -3.63
C PRO F 17 -23.69 25.17 -3.63
N GLU F 18 -24.20 24.49 -4.67
CA GLU F 18 -24.16 23.04 -4.74
C GLU F 18 -22.74 22.49 -4.75
N TRP F 19 -21.90 23.24 -5.47
CA TRP F 19 -20.48 22.90 -5.62
C TRP F 19 -19.65 23.96 -4.94
N VAL F 20 -18.66 23.54 -4.19
CA VAL F 20 -17.86 24.44 -3.39
C VAL F 20 -16.40 24.03 -3.44
N ARG F 21 -15.54 24.94 -3.01
CA ARG F 21 -14.20 24.52 -2.64
C ARG F 21 -14.06 24.77 -1.15
N ILE F 22 -13.24 23.96 -0.51
CA ILE F 22 -12.99 24.02 0.90
C ILE F 22 -11.55 24.37 1.15
N GLY F 23 -11.17 25.05 2.22
CA GLY F 23 -9.79 25.34 2.50
C GLY F 23 -9.61 26.06 3.83
N PHE F 24 -8.42 26.63 4.08
CA PHE F 24 -8.12 27.32 5.32
C PHE F 24 -7.79 28.74 4.94
N SER F 25 -7.92 29.62 5.92
CA SER F 25 -7.57 31.00 5.70
C SER F 25 -6.88 31.49 6.95
N ALA F 26 -5.86 32.34 6.93
CA ALA F 26 -5.35 32.91 8.16
C ALA F 26 -4.94 34.32 7.82
N THR F 27 -5.09 35.26 8.74
CA THR F 27 -4.66 36.65 8.49
C THR F 27 -3.95 37.26 9.70
N THR F 28 -3.26 38.37 9.47
CA THR F 28 -2.68 39.17 10.55
C THR F 28 -3.11 40.61 10.25
N GLY F 29 -2.93 41.55 11.17
CA GLY F 29 -3.29 42.94 10.95
C GLY F 29 -2.24 43.75 11.67
N ALA F 30 -2.62 44.59 12.65
CA ALA F 30 -1.62 45.33 13.41
C ALA F 30 -0.86 44.35 14.28
N GLU F 31 -1.52 43.31 14.79
CA GLU F 31 -0.80 42.27 15.51
C GLU F 31 -0.79 41.07 14.58
N PHE F 32 0.01 40.09 14.97
CA PHE F 32 0.33 38.97 14.12
C PHE F 32 0.77 37.75 14.89
N ALA F 33 0.86 36.64 14.18
CA ALA F 33 1.36 35.39 14.70
C ALA F 33 1.54 34.52 13.47
N ALA F 34 2.34 33.47 13.48
CA ALA F 34 2.40 32.59 12.33
C ALA F 34 1.31 31.57 12.50
N HIS F 35 0.69 31.18 11.39
CA HIS F 35 -0.42 30.24 11.41
C HIS F 35 -0.08 29.07 10.49
N GLU F 36 0.07 27.82 10.96
CA GLU F 36 0.47 26.69 10.12
C GLU F 36 -0.43 25.49 10.31
N VAL F 37 -0.52 24.61 9.31
CA VAL F 37 -1.37 23.43 9.35
C VAL F 37 -0.42 22.29 9.05
N LEU F 38 -0.42 21.24 9.87
CA LEU F 38 0.49 20.13 9.81
C LEU F 38 -0.09 18.91 9.10
N SER F 39 -1.42 18.68 9.13
CA SER F 39 -2.05 17.58 8.44
C SER F 39 -3.51 17.90 8.23
N TRP F 40 -4.15 17.26 7.24
CA TRP F 40 -5.55 17.49 6.87
C TRP F 40 -6.11 16.22 6.29
N TYR F 41 -7.33 15.91 6.67
CA TYR F 41 -8.04 14.74 6.22
C TYR F 41 -9.45 15.23 5.92
N PHE F 42 -10.11 14.76 4.86
CA PHE F 42 -11.45 15.16 4.54
C PHE F 42 -12.18 14.00 3.92
N HIS F 43 -13.48 13.90 4.20
CA HIS F 43 -14.28 12.90 3.56
C HIS F 43 -15.71 13.43 3.42
N SER F 44 -16.35 13.40 2.25
CA SER F 44 -17.71 13.78 2.10
C SER F 44 -18.47 12.71 1.32
N GLU F 45 -19.75 12.55 1.61
CA GLU F 45 -20.62 11.62 0.92
C GLU F 45 -21.96 12.23 0.67
N LEU F 46 -22.38 12.34 -0.58
CA LEU F 46 -23.65 12.90 -1.00
C LEU F 46 -24.41 11.70 -1.59
N ALA F 47 -25.53 11.36 -0.96
CA ALA F 47 -26.38 10.28 -1.41
C ALA F 47 -27.00 10.57 -2.79
N THR G 1 2.01 10.70 4.31
CA THR G 1 1.16 9.84 3.53
C THR G 1 0.16 10.73 2.87
N GLU G 2 -0.15 10.42 1.62
CA GLU G 2 -1.12 11.15 0.86
C GLU G 2 -2.08 10.17 0.27
N THR G 3 -3.39 10.34 0.33
CA THR G 3 -4.27 9.46 -0.38
C THR G 3 -5.24 10.38 -1.11
N THR G 4 -5.82 9.97 -2.23
CA THR G 4 -6.86 10.70 -2.95
C THR G 4 -7.90 9.62 -3.26
N SER G 5 -9.16 9.90 -3.06
CA SER G 5 -10.19 8.92 -3.34
C SER G 5 -11.44 9.64 -3.79
N PHE G 6 -12.25 9.00 -4.61
CA PHE G 6 -13.52 9.57 -5.00
C PHE G 6 -14.36 8.47 -5.65
N SER G 7 -15.69 8.64 -5.75
CA SER G 7 -16.55 7.77 -6.54
C SER G 7 -17.66 8.62 -7.12
N ILE G 8 -18.17 8.26 -8.27
CA ILE G 8 -19.23 8.98 -8.96
C ILE G 8 -19.99 7.79 -9.54
N THR G 9 -21.16 7.57 -9.03
CA THR G 9 -22.00 6.45 -9.39
C THR G 9 -23.05 6.87 -10.40
N LYS G 10 -23.23 8.14 -10.65
CA LYS G 10 -24.22 8.69 -11.56
C LYS G 10 -23.57 10.01 -11.90
N PHE G 11 -23.42 10.37 -13.15
CA PHE G 11 -22.82 11.65 -13.50
C PHE G 11 -23.98 12.60 -13.60
N GLY G 12 -23.84 13.89 -13.33
CA GLY G 12 -24.95 14.80 -13.36
C GLY G 12 -24.70 15.86 -14.39
N PRO G 13 -25.60 16.81 -14.74
CA PRO G 13 -25.41 17.81 -15.81
C PRO G 13 -24.20 18.76 -15.73
N ASP G 14 -23.77 19.02 -14.50
CA ASP G 14 -22.68 19.94 -14.29
C ASP G 14 -21.74 19.26 -13.31
N GLN G 15 -21.01 18.27 -13.81
CA GLN G 15 -20.09 17.51 -12.99
C GLN G 15 -18.79 18.34 -12.86
N GLN G 16 -18.81 19.25 -11.88
CA GLN G 16 -17.72 20.20 -11.71
C GLN G 16 -16.42 19.61 -11.21
N ASN G 17 -16.37 18.39 -10.68
CA ASN G 17 -15.06 17.86 -10.32
C ASN G 17 -14.41 17.12 -11.51
N LEU G 18 -14.88 17.17 -12.76
CA LEU G 18 -14.19 16.56 -13.91
C LEU G 18 -13.83 17.66 -14.87
N ILE G 19 -12.82 17.52 -15.71
CA ILE G 19 -12.42 18.49 -16.72
C ILE G 19 -12.80 17.77 -18.00
N PHE G 20 -13.48 18.41 -18.91
CA PHE G 20 -13.97 17.76 -20.12
C PHE G 20 -13.14 18.19 -21.29
N GLN G 21 -12.73 17.32 -22.20
CA GLN G 21 -11.93 17.82 -23.30
C GLN G 21 -12.58 17.21 -24.51
N GLY G 22 -12.39 17.81 -25.67
CA GLY G 22 -12.95 17.25 -26.89
C GLY G 22 -14.46 17.34 -26.80
N ASP G 23 -15.14 16.30 -27.20
CA ASP G 23 -16.58 16.28 -27.14
C ASP G 23 -17.22 15.62 -25.89
N GLY G 24 -16.45 15.43 -24.80
CA GLY G 24 -16.92 14.73 -23.64
C GLY G 24 -17.88 15.63 -22.90
N TYR G 25 -18.98 15.08 -22.41
CA TYR G 25 -19.92 15.87 -21.62
C TYR G 25 -20.79 14.85 -20.93
N THR G 26 -21.60 15.31 -20.00
CA THR G 26 -22.50 14.44 -19.32
C THR G 26 -23.90 14.53 -19.91
N THR G 27 -24.55 13.39 -20.11
CA THR G 27 -25.92 13.34 -20.59
C THR G 27 -26.52 12.09 -19.97
N LYS G 28 -27.81 12.18 -19.59
CA LYS G 28 -28.62 11.10 -19.00
C LYS G 28 -27.92 10.21 -17.97
N GLU G 29 -27.32 10.95 -17.06
CA GLU G 29 -26.54 10.45 -15.96
C GLU G 29 -25.34 9.59 -16.29
N ARG G 30 -24.85 9.70 -17.53
CA ARG G 30 -23.66 9.01 -18.01
C ARG G 30 -22.66 10.04 -18.50
N LEU G 31 -21.40 9.66 -18.46
CA LEU G 31 -20.30 10.42 -19.01
C LEU G 31 -20.20 10.03 -20.48
N THR G 32 -20.53 10.83 -21.48
CA THR G 32 -20.47 10.41 -22.86
C THR G 32 -19.17 10.93 -23.40
N LEU G 33 -18.31 10.02 -23.82
CA LEU G 33 -17.05 10.43 -24.41
C LEU G 33 -17.20 10.61 -25.94
N THR G 34 -17.88 9.72 -26.67
CA THR G 34 -18.16 9.97 -28.08
C THR G 34 -19.57 9.52 -28.36
N LYS G 35 -20.21 10.13 -29.36
CA LYS G 35 -21.47 9.62 -29.89
C LYS G 35 -21.07 8.75 -31.08
N ALA G 36 -22.01 8.06 -31.73
CA ALA G 36 -21.76 7.22 -32.89
C ALA G 36 -21.72 8.09 -34.14
N VAL G 37 -20.55 8.74 -34.32
CA VAL G 37 -20.28 9.72 -35.37
C VAL G 37 -18.80 9.58 -35.72
N ARG G 38 -18.43 9.88 -36.95
CA ARG G 38 -17.08 9.69 -37.45
C ARG G 38 -16.15 10.76 -36.95
N ASN G 39 -14.91 10.36 -36.77
CA ASN G 39 -13.83 11.28 -36.38
C ASN G 39 -14.02 12.23 -35.20
N THR G 40 -14.30 11.70 -33.99
CA THR G 40 -14.39 12.53 -32.82
C THR G 40 -13.48 11.96 -31.77
N VAL G 41 -13.22 12.81 -30.77
CA VAL G 41 -12.48 12.44 -29.60
C VAL G 41 -13.22 13.08 -28.40
N GLY G 42 -13.34 12.38 -27.28
CA GLY G 42 -13.83 12.97 -26.07
C GLY G 42 -12.94 12.46 -24.98
N ARG G 43 -12.61 13.29 -23.98
CA ARG G 43 -11.78 12.85 -22.86
C ARG G 43 -12.32 13.47 -21.59
N ALA G 44 -12.15 12.89 -20.42
CA ALA G 44 -12.64 13.46 -19.14
C ALA G 44 -11.56 13.11 -18.12
N LEU G 45 -11.14 14.10 -17.31
CA LEU G 45 -10.06 13.94 -16.33
C LEU G 45 -10.59 14.32 -14.96
N TYR G 46 -10.13 13.72 -13.85
CA TYR G 46 -10.55 14.09 -12.53
C TYR G 46 -9.89 15.42 -12.25
N SER G 47 -10.53 16.42 -11.61
CA SER G 47 -9.91 17.72 -11.54
C SER G 47 -8.70 17.80 -10.65
N SER G 48 -8.51 16.99 -9.61
CA SER G 48 -7.33 17.14 -8.79
C SER G 48 -6.16 16.31 -9.33
N PRO G 49 -4.92 16.84 -9.27
CA PRO G 49 -3.69 16.11 -9.46
C PRO G 49 -3.57 15.04 -8.39
N ILE G 50 -2.98 13.95 -8.86
CA ILE G 50 -2.76 12.77 -8.04
C ILE G 50 -1.27 12.68 -7.84
N HIS G 51 -0.80 12.46 -6.61
CA HIS G 51 0.62 12.31 -6.32
C HIS G 51 0.95 10.84 -6.54
N ILE G 52 1.50 10.48 -7.70
CA ILE G 52 1.71 9.07 -7.96
C ILE G 52 3.09 8.59 -7.49
N TRP G 53 4.16 9.36 -7.43
CA TRP G 53 5.41 8.91 -6.82
C TRP G 53 6.09 10.16 -6.32
N ASP G 54 7.10 9.99 -5.49
CA ASP G 54 7.77 11.11 -4.90
C ASP G 54 9.28 11.02 -5.01
N SER G 55 9.98 11.89 -5.74
CA SER G 55 11.42 11.78 -5.90
C SER G 55 12.18 11.99 -4.61
N LYS G 56 11.63 12.75 -3.67
CA LYS G 56 12.28 13.00 -2.40
C LYS G 56 12.48 11.66 -1.70
N THR G 57 11.48 10.79 -1.60
CA THR G 57 11.66 9.52 -0.93
C THR G 57 11.85 8.34 -1.88
N GLY G 58 11.54 8.47 -3.17
CA GLY G 58 11.50 7.32 -4.04
C GLY G 58 10.25 6.46 -3.81
N ASN G 59 9.27 6.88 -3.00
CA ASN G 59 8.07 6.06 -2.80
C ASN G 59 7.16 6.24 -4.00
N VAL G 60 6.47 5.16 -4.33
CA VAL G 60 5.53 5.11 -5.43
C VAL G 60 4.18 4.70 -4.82
N ALA G 61 3.08 5.22 -5.37
CA ALA G 61 1.74 4.90 -4.95
C ALA G 61 1.17 3.58 -5.42
N ASN G 62 0.31 3.05 -4.58
CA ASN G 62 -0.55 1.96 -4.93
C ASN G 62 -1.84 2.64 -5.39
N PHE G 63 -2.59 2.07 -6.32
CA PHE G 63 -3.89 2.62 -6.65
C PHE G 63 -4.82 1.55 -7.16
N VAL G 64 -6.13 1.86 -7.08
CA VAL G 64 -7.24 1.02 -7.56
C VAL G 64 -8.24 1.95 -8.23
N THR G 65 -8.78 1.57 -9.37
CA THR G 65 -9.89 2.27 -9.95
C THR G 65 -10.79 1.14 -10.47
N SER G 66 -12.09 1.39 -10.51
CA SER G 66 -13.02 0.50 -11.15
C SER G 66 -14.09 1.37 -11.78
N PHE G 67 -14.65 0.93 -12.89
CA PHE G 67 -15.64 1.73 -13.59
C PHE G 67 -16.43 0.79 -14.44
N THR G 68 -17.54 1.26 -14.95
CA THR G 68 -18.41 0.49 -15.81
C THR G 68 -18.54 1.31 -17.06
N PHE G 69 -18.40 0.72 -18.24
CA PHE G 69 -18.55 1.48 -19.46
C PHE G 69 -19.35 0.65 -20.46
N VAL G 70 -19.87 1.32 -21.49
CA VAL G 70 -20.65 0.69 -22.53
C VAL G 70 -20.09 1.19 -23.86
N ILE G 71 -19.89 0.29 -24.83
CA ILE G 71 -19.58 0.70 -26.20
C ILE G 71 -20.86 0.29 -26.95
N ASP G 72 -21.42 1.20 -27.74
CA ASP G 72 -22.63 0.90 -28.49
C ASP G 72 -22.43 1.28 -29.95
N ALA G 73 -22.38 0.25 -30.79
CA ALA G 73 -22.12 0.40 -32.21
C ALA G 73 -23.36 -0.03 -32.96
N PRO G 74 -23.80 0.58 -34.06
CA PRO G 74 -24.90 0.10 -34.89
C PRO G 74 -24.86 -1.39 -35.20
N ASN G 75 -23.77 -1.84 -35.79
CA ASN G 75 -23.67 -3.29 -35.99
C ASN G 75 -22.36 -3.66 -35.33
N SER G 76 -22.23 -4.93 -34.98
CA SER G 76 -21.06 -5.44 -34.31
C SER G 76 -19.89 -5.78 -35.21
N TYR G 77 -19.98 -5.49 -36.50
CA TYR G 77 -18.86 -5.80 -37.37
C TYR G 77 -18.03 -4.57 -37.57
N ASN G 78 -18.66 -3.42 -37.65
CA ASN G 78 -17.93 -2.21 -37.94
C ASN G 78 -17.83 -1.33 -36.71
N VAL G 79 -16.87 -1.54 -35.81
CA VAL G 79 -16.77 -0.70 -34.64
C VAL G 79 -15.33 -0.26 -34.41
N ALA G 80 -15.24 1.01 -34.02
CA ALA G 80 -13.98 1.72 -33.76
C ALA G 80 -14.18 2.94 -32.85
N ASP G 81 -13.17 3.51 -32.23
CA ASP G 81 -11.86 2.88 -32.15
C ASP G 81 -11.51 2.24 -30.85
N GLY G 82 -12.17 2.67 -29.80
CA GLY G 82 -11.91 2.09 -28.50
C GLY G 82 -11.92 3.17 -27.41
N PHE G 83 -11.58 2.72 -26.21
CA PHE G 83 -11.64 3.53 -25.01
C PHE G 83 -10.38 3.29 -24.12
N THR G 84 -9.95 4.28 -23.34
CA THR G 84 -8.73 4.21 -22.54
C THR G 84 -8.97 4.69 -21.10
N PHE G 85 -8.31 4.10 -20.11
CA PHE G 85 -8.16 4.75 -18.84
C PHE G 85 -6.66 5.15 -18.93
N PHE G 86 -6.23 6.36 -18.58
CA PHE G 86 -4.84 6.83 -18.71
C PHE G 86 -4.41 7.70 -17.54
N ILE G 87 -3.10 7.74 -17.42
CA ILE G 87 -2.34 8.42 -16.38
C ILE G 87 -1.43 9.28 -17.25
N ALA G 88 -1.34 10.59 -17.08
CA ALA G 88 -0.63 11.48 -17.95
C ALA G 88 -0.18 12.72 -17.20
N PRO G 89 0.72 13.59 -17.69
CA PRO G 89 1.04 14.86 -17.04
C PRO G 89 -0.22 15.70 -16.70
N VAL G 90 -0.11 16.58 -15.73
CA VAL G 90 -1.21 17.40 -15.24
C VAL G 90 -1.85 18.25 -16.33
N ASP G 91 -1.04 18.78 -17.20
CA ASP G 91 -1.56 19.62 -18.25
C ASP G 91 -1.88 18.83 -19.51
N THR G 92 -2.16 17.50 -19.45
CA THR G 92 -2.52 16.70 -20.66
C THR G 92 -3.69 17.28 -21.48
N LYS G 93 -3.59 17.24 -22.82
CA LYS G 93 -4.64 17.73 -23.69
C LYS G 93 -4.85 16.66 -24.77
N PRO G 94 -5.94 16.59 -25.55
CA PRO G 94 -6.15 15.55 -26.56
C PRO G 94 -4.98 15.48 -27.57
N GLN G 95 -4.56 14.26 -27.84
CA GLN G 95 -3.52 14.04 -28.83
C GLN G 95 -4.19 13.54 -30.11
N THR G 96 -3.63 12.57 -30.86
CA THR G 96 -4.22 12.15 -32.13
C THR G 96 -5.47 11.30 -31.91
N GLY G 97 -6.54 11.53 -32.66
CA GLY G 97 -7.77 10.75 -32.65
C GLY G 97 -7.68 9.45 -33.48
N GLY G 98 -8.81 8.83 -33.78
CA GLY G 98 -8.80 7.60 -34.56
C GLY G 98 -8.10 6.51 -33.80
N GLY G 99 -7.31 5.70 -34.46
CA GLY G 99 -6.64 4.58 -33.83
C GLY G 99 -5.69 4.91 -32.69
N TYR G 100 -5.32 6.18 -32.54
CA TYR G 100 -4.39 6.60 -31.49
C TYR G 100 -5.10 6.93 -30.18
N LEU G 101 -6.44 6.77 -30.17
CA LEU G 101 -7.27 6.87 -28.99
C LEU G 101 -7.22 8.19 -28.24
N GLY G 102 -6.77 9.30 -28.84
CA GLY G 102 -6.78 10.61 -28.20
C GLY G 102 -5.70 10.80 -27.15
N VAL G 103 -4.84 9.77 -27.04
CA VAL G 103 -3.85 9.76 -25.97
C VAL G 103 -2.42 9.65 -26.53
N PHE G 104 -2.20 9.06 -27.71
CA PHE G 104 -0.83 9.01 -28.23
C PHE G 104 -0.81 9.65 -29.59
N ASN G 105 0.41 9.69 -30.09
CA ASN G 105 0.60 10.21 -31.44
C ASN G 105 1.46 9.27 -32.27
N SER G 106 2.08 8.19 -31.78
CA SER G 106 2.82 7.33 -32.66
C SER G 106 3.00 5.96 -32.07
N LYS G 107 3.43 5.05 -32.95
CA LYS G 107 3.66 3.70 -32.53
C LYS G 107 5.07 3.50 -32.02
N ASP G 108 5.99 4.45 -32.16
CA ASP G 108 7.30 4.27 -31.55
C ASP G 108 7.25 4.90 -30.17
N TYR G 109 7.99 4.27 -29.27
CA TYR G 109 8.05 4.70 -27.90
C TYR G 109 8.55 6.15 -27.89
N ASP G 110 7.72 7.02 -27.32
CA ASP G 110 8.01 8.44 -27.20
C ASP G 110 8.09 8.79 -25.72
N LYS G 111 9.29 8.97 -25.20
CA LYS G 111 9.48 9.22 -23.79
C LYS G 111 8.87 10.53 -23.34
N THR G 112 8.71 11.53 -24.20
CA THR G 112 8.17 12.78 -23.76
C THR G 112 6.67 12.65 -23.49
N SER G 113 6.07 11.55 -23.94
CA SER G 113 4.64 11.37 -23.79
C SER G 113 4.29 11.28 -22.31
N GLN G 114 5.06 10.53 -21.51
CA GLN G 114 4.77 10.37 -20.11
C GLN G 114 3.35 9.91 -19.78
N THR G 115 2.73 9.14 -20.69
CA THR G 115 1.43 8.59 -20.39
C THR G 115 1.42 7.10 -20.58
N VAL G 116 0.76 6.49 -19.58
CA VAL G 116 0.43 5.06 -19.68
C VAL G 116 -1.09 4.93 -19.69
N ALA G 117 -1.55 4.09 -20.60
CA ALA G 117 -2.97 3.88 -20.75
C ALA G 117 -3.31 2.40 -20.79
N VAL G 118 -4.47 2.00 -20.32
CA VAL G 118 -4.95 0.65 -20.45
C VAL G 118 -5.99 0.83 -21.53
N GLU G 119 -5.87 0.20 -22.71
CA GLU G 119 -6.80 0.44 -23.79
C GLU G 119 -7.76 -0.73 -23.95
N PHE G 120 -8.96 -0.46 -24.48
CA PHE G 120 -9.97 -1.46 -24.80
C PHE G 120 -10.19 -1.09 -26.26
N ASP G 121 -9.52 -1.83 -27.13
CA ASP G 121 -9.41 -1.48 -28.51
C ASP G 121 -10.29 -2.32 -29.39
N THR G 122 -11.10 -1.63 -30.19
CA THR G 122 -12.09 -2.37 -30.97
C THR G 122 -11.85 -2.42 -32.46
N PHE G 123 -10.74 -1.81 -32.90
CA PHE G 123 -10.40 -1.71 -34.30
C PHE G 123 -8.92 -2.01 -34.44
N TYR G 124 -8.82 -2.98 -35.35
CA TYR G 124 -7.52 -3.48 -35.80
C TYR G 124 -6.86 -2.52 -36.80
N ASN G 125 -5.77 -1.90 -36.30
CA ASN G 125 -4.94 -0.99 -37.10
C ASN G 125 -3.68 -1.82 -37.36
N THR G 126 -3.49 -2.10 -38.64
CA THR G 126 -2.45 -3.00 -39.12
C THR G 126 -1.09 -2.57 -38.71
N ALA G 127 -0.78 -1.29 -38.78
CA ALA G 127 0.54 -0.86 -38.42
C ALA G 127 0.97 -1.13 -36.98
N TRP G 128 0.12 -1.46 -36.00
CA TRP G 128 0.64 -1.73 -34.66
C TRP G 128 -0.15 -2.72 -33.85
N ASP G 129 -1.42 -2.97 -34.23
CA ASP G 129 -2.23 -3.89 -33.45
C ASP G 129 -1.87 -5.36 -33.66
N PRO G 130 -2.15 -6.27 -32.70
CA PRO G 130 -2.01 -7.71 -32.83
C PRO G 130 -2.48 -8.26 -34.17
N SER G 131 -1.59 -8.99 -34.85
CA SER G 131 -1.81 -9.54 -36.19
C SER G 131 -3.04 -10.38 -36.36
N ASN G 132 -3.38 -11.08 -35.29
CA ASN G 132 -4.59 -11.87 -35.31
C ASN G 132 -5.83 -11.03 -35.61
N GLY G 133 -5.77 -9.71 -35.51
CA GLY G 133 -6.89 -8.86 -35.83
C GLY G 133 -8.00 -8.93 -34.81
N ASP G 134 -7.81 -9.52 -33.63
CA ASP G 134 -8.83 -9.55 -32.58
C ASP G 134 -8.90 -8.23 -31.85
N ARG G 135 -10.06 -7.98 -31.30
CA ARG G 135 -10.26 -6.87 -30.39
C ARG G 135 -9.52 -7.30 -29.13
N HIS G 136 -9.05 -6.31 -28.37
CA HIS G 136 -8.16 -6.60 -27.26
C HIS G 136 -8.13 -5.50 -26.21
N ILE G 137 -7.64 -5.91 -25.05
CA ILE G 137 -7.33 -5.07 -23.92
C ILE G 137 -5.80 -4.93 -24.05
N GLY G 138 -5.15 -3.79 -23.89
CA GLY G 138 -3.71 -3.70 -23.90
C GLY G 138 -3.17 -2.65 -22.92
N ILE G 139 -1.90 -2.76 -22.52
CA ILE G 139 -1.22 -1.82 -21.63
C ILE G 139 -0.26 -1.06 -22.52
N ASP G 140 -0.41 0.26 -22.62
CA ASP G 140 0.34 1.12 -23.50
C ASP G 140 1.26 1.97 -22.68
N VAL G 141 2.56 2.07 -22.89
CA VAL G 141 3.31 3.06 -22.15
C VAL G 141 4.10 3.77 -23.20
N ASN G 142 3.82 5.06 -23.25
CA ASN G 142 4.42 5.99 -24.20
C ASN G 142 4.26 5.65 -25.67
N SER G 143 3.31 4.81 -26.03
CA SER G 143 3.09 4.41 -27.42
C SER G 143 1.73 3.74 -27.56
N ILE G 144 1.14 3.84 -28.76
CA ILE G 144 -0.10 3.13 -29.08
C ILE G 144 0.17 1.66 -29.39
N LYS G 145 1.43 1.25 -29.53
CA LYS G 145 1.68 -0.15 -29.78
C LYS G 145 1.77 -0.77 -28.39
N SER G 146 0.87 -1.62 -27.94
CA SER G 146 0.80 -2.12 -26.57
C SER G 146 1.99 -3.00 -26.19
N ILE G 147 2.43 -3.01 -24.93
CA ILE G 147 3.51 -3.88 -24.49
C ILE G 147 2.93 -5.25 -24.23
N ASN G 148 1.62 -5.37 -24.07
CA ASN G 148 1.00 -6.64 -23.78
C ASN G 148 -0.46 -6.48 -24.14
N THR G 149 -1.12 -7.55 -24.60
CA THR G 149 -2.48 -7.52 -25.14
C THR G 149 -3.22 -8.80 -24.72
N LYS G 150 -4.54 -8.79 -24.60
CA LYS G 150 -5.32 -9.96 -24.28
C LYS G 150 -6.49 -9.83 -25.22
N SER G 151 -6.86 -10.85 -26.00
CA SER G 151 -8.02 -10.80 -26.85
C SER G 151 -9.25 -10.71 -26.01
N TRP G 152 -10.19 -9.96 -26.53
CA TRP G 152 -11.42 -9.66 -25.80
C TRP G 152 -12.50 -9.61 -26.85
N ALA G 153 -13.61 -10.22 -26.49
CA ALA G 153 -14.76 -10.26 -27.36
C ALA G 153 -15.79 -9.26 -26.85
N LEU G 154 -15.91 -8.17 -27.61
CA LEU G 154 -16.84 -7.10 -27.33
C LEU G 154 -18.27 -7.60 -27.22
N GLN G 155 -19.04 -7.23 -26.21
CA GLN G 155 -20.45 -7.52 -26.23
C GLN G 155 -21.06 -6.14 -26.35
N ASN G 156 -21.44 -5.91 -27.60
CA ASN G 156 -21.94 -4.62 -28.03
C ASN G 156 -23.14 -4.20 -27.22
N GLY G 157 -23.14 -2.97 -26.73
CA GLY G 157 -24.27 -2.45 -25.98
C GLY G 157 -24.32 -2.95 -24.55
N LYS G 158 -23.43 -3.85 -24.12
CA LYS G 158 -23.45 -4.38 -22.78
C LYS G 158 -22.48 -3.71 -21.82
N GLU G 159 -22.85 -3.62 -20.55
CA GLU G 159 -22.01 -3.08 -19.51
C GLU G 159 -20.86 -3.97 -19.16
N ALA G 160 -19.70 -3.36 -19.06
CA ALA G 160 -18.52 -4.07 -18.70
C ALA G 160 -17.99 -3.41 -17.42
N ASN G 161 -17.51 -4.17 -16.46
CA ASN G 161 -16.98 -3.64 -15.22
C ASN G 161 -15.51 -3.88 -15.22
N VAL G 162 -14.69 -2.85 -15.04
CA VAL G 162 -13.29 -3.13 -15.04
C VAL G 162 -12.70 -2.56 -13.77
N VAL G 163 -11.69 -3.28 -13.33
CA VAL G 163 -10.90 -2.96 -12.15
C VAL G 163 -9.51 -2.87 -12.71
N ILE G 164 -8.82 -1.77 -12.41
CA ILE G 164 -7.43 -1.65 -12.77
C ILE G 164 -6.73 -1.39 -11.46
N ALA G 165 -5.66 -2.10 -11.14
CA ALA G 165 -4.96 -1.85 -9.90
C ALA G 165 -3.48 -1.83 -10.12
N PHE G 166 -2.73 -1.05 -9.37
CA PHE G 166 -1.29 -1.01 -9.46
C PHE G 166 -0.75 -1.27 -8.06
N ASN G 167 0.32 -2.05 -7.91
CA ASN G 167 0.90 -2.28 -6.62
C ASN G 167 2.33 -1.87 -6.68
N ALA G 168 2.71 -0.83 -5.94
CA ALA G 168 4.02 -0.26 -6.02
C ALA G 168 5.12 -1.22 -5.69
N ALA G 169 4.93 -2.02 -4.65
CA ALA G 169 5.93 -2.96 -4.18
C ALA G 169 6.39 -3.92 -5.27
N THR G 170 5.51 -4.34 -6.19
CA THR G 170 5.87 -5.30 -7.20
C THR G 170 5.83 -4.72 -8.58
N ASN G 171 5.46 -3.45 -8.66
CA ASN G 171 5.12 -2.78 -9.90
C ASN G 171 4.20 -3.58 -10.81
N VAL G 172 3.29 -4.42 -10.30
CA VAL G 172 2.41 -5.15 -11.19
C VAL G 172 1.15 -4.31 -11.35
N LEU G 173 0.69 -4.18 -12.59
CA LEU G 173 -0.49 -3.48 -12.98
C LEU G 173 -1.39 -4.62 -13.35
N THR G 174 -2.63 -4.67 -12.88
CA THR G 174 -3.58 -5.72 -13.19
C THR G 174 -4.87 -5.09 -13.69
N VAL G 175 -5.40 -5.68 -14.75
CA VAL G 175 -6.59 -5.23 -15.45
C VAL G 175 -7.52 -6.41 -15.46
N SER G 176 -8.80 -6.19 -15.23
CA SER G 176 -9.81 -7.22 -15.24
C SER G 176 -11.01 -6.58 -15.89
N LEU G 177 -11.69 -7.24 -16.81
CA LEU G 177 -12.92 -6.74 -17.44
C LEU G 177 -13.92 -7.87 -17.25
N THR G 178 -15.10 -7.68 -16.71
CA THR G 178 -16.05 -8.77 -16.71
C THR G 178 -17.39 -8.29 -17.25
N TYR G 179 -18.06 -9.08 -18.10
CA TYR G 179 -19.45 -8.82 -18.48
C TYR G 179 -20.31 -9.70 -17.57
N PRO G 180 -21.56 -9.37 -17.17
CA PRO G 180 -22.53 -10.27 -16.51
C PRO G 180 -23.05 -11.51 -17.29
N THR H 2 -18.39 -12.84 -18.31
CA THR H 2 -17.21 -13.61 -18.65
C THR H 2 -16.06 -12.71 -18.18
N SER H 3 -14.85 -13.13 -17.83
CA SER H 3 -13.80 -12.21 -17.41
C SER H 3 -12.56 -12.30 -18.29
N TYR H 4 -11.78 -11.24 -18.37
CA TYR H 4 -10.55 -11.21 -19.14
C TYR H 4 -9.61 -10.51 -18.20
N THR H 5 -8.42 -11.04 -17.94
CA THR H 5 -7.50 -10.41 -17.01
C THR H 5 -6.16 -10.18 -17.71
N LEU H 6 -5.36 -9.21 -17.32
CA LEU H 6 -4.09 -8.97 -17.94
C LEU H 6 -3.26 -8.35 -16.81
N ASN H 7 -2.02 -8.76 -16.66
CA ASN H 7 -1.15 -8.29 -15.59
C ASN H 7 0.13 -7.87 -16.26
N GLU H 8 0.91 -6.91 -15.83
CA GLU H 8 2.22 -6.68 -16.42
C GLU H 8 2.94 -5.94 -15.37
N VAL H 9 4.26 -6.03 -15.38
CA VAL H 9 5.05 -5.29 -14.45
C VAL H 9 5.24 -3.97 -15.12
N VAL H 10 4.78 -2.81 -14.66
CA VAL H 10 5.21 -1.58 -15.30
C VAL H 10 5.67 -0.65 -14.18
N PRO H 11 6.97 -0.32 -14.16
CA PRO H 11 7.54 0.60 -13.21
C PRO H 11 7.12 2.01 -13.52
N LEU H 12 5.89 2.37 -13.14
CA LEU H 12 5.36 3.70 -13.38
C LEU H 12 6.31 4.88 -13.20
N LYS H 13 7.05 4.91 -12.09
CA LYS H 13 8.01 5.97 -11.79
C LYS H 13 8.96 6.23 -12.96
N GLU H 14 9.19 5.24 -13.82
CA GLU H 14 10.07 5.47 -14.95
C GLU H 14 9.40 6.24 -16.09
N PHE H 15 8.06 6.13 -16.20
CA PHE H 15 7.34 6.74 -17.31
C PHE H 15 6.49 7.97 -16.98
N VAL H 16 5.91 8.14 -15.78
CA VAL H 16 5.06 9.32 -15.53
C VAL H 16 5.65 10.34 -14.57
N PRO H 17 5.25 11.64 -14.61
CA PRO H 17 5.74 12.63 -13.69
C PRO H 17 5.23 12.26 -12.29
N GLU H 18 5.74 12.99 -11.29
CA GLU H 18 5.38 12.83 -9.87
C GLU H 18 3.88 13.05 -9.59
N TRP H 19 3.36 14.09 -10.23
CA TRP H 19 1.97 14.49 -10.16
C TRP H 19 1.33 14.23 -11.51
N VAL H 20 0.19 13.57 -11.57
CA VAL H 20 -0.47 13.24 -12.82
C VAL H 20 -1.97 13.64 -12.77
N ARG H 21 -2.64 13.61 -13.91
CA ARG H 21 -4.09 13.63 -13.98
C ARG H 21 -4.47 12.28 -14.53
N ILE H 22 -5.62 11.72 -14.14
CA ILE H 22 -6.04 10.40 -14.59
C ILE H 22 -7.36 10.65 -15.34
N GLY H 23 -7.73 9.88 -16.36
CA GLY H 23 -9.01 10.13 -16.97
C GLY H 23 -9.30 9.06 -17.99
N PHE H 24 -10.25 9.32 -18.86
CA PHE H 24 -10.64 8.39 -19.87
C PHE H 24 -10.60 9.13 -21.18
N SER H 25 -10.38 8.36 -22.24
CA SER H 25 -10.41 8.89 -23.58
C SER H 25 -11.16 7.87 -24.40
N ALA H 26 -11.69 8.29 -25.52
CA ALA H 26 -12.27 7.41 -26.51
C ALA H 26 -12.32 8.22 -27.77
N THR H 27 -12.23 7.53 -28.92
CA THR H 27 -12.25 8.20 -30.22
C THR H 27 -13.05 7.37 -31.23
N THR H 28 -13.41 7.93 -32.39
CA THR H 28 -13.91 7.14 -33.51
C THR H 28 -13.08 7.60 -34.72
N GLY H 29 -13.05 6.93 -35.87
CA GLY H 29 -12.35 7.47 -37.04
C GLY H 29 -13.32 7.32 -38.20
N ALA H 30 -12.95 6.53 -39.18
CA ALA H 30 -13.83 6.19 -40.29
C ALA H 30 -14.91 5.24 -39.75
N GLU H 31 -14.65 4.46 -38.70
CA GLU H 31 -15.70 3.69 -38.03
C GLU H 31 -15.98 4.29 -36.67
N PHE H 32 -17.09 3.91 -36.05
CA PHE H 32 -17.52 4.57 -34.85
C PHE H 32 -18.35 3.70 -33.92
N ALA H 33 -18.57 4.23 -32.74
CA ALA H 33 -19.47 3.66 -31.75
C ALA H 33 -19.60 4.77 -30.76
N ALA H 34 -20.66 4.76 -29.95
CA ALA H 34 -20.81 5.67 -28.82
C ALA H 34 -19.95 5.12 -27.68
N HIS H 35 -19.27 5.90 -26.85
CA HIS H 35 -18.47 5.32 -25.80
C HIS H 35 -18.86 6.03 -24.53
N GLU H 36 -19.31 5.31 -23.48
CA GLU H 36 -19.85 5.95 -22.29
C GLU H 36 -19.43 5.28 -21.01
N VAL H 37 -19.32 6.06 -19.93
CA VAL H 37 -18.91 5.56 -18.62
C VAL H 37 -20.13 5.79 -17.74
N LEU H 38 -20.50 4.76 -16.98
CA LEU H 38 -21.64 4.78 -16.08
C LEU H 38 -21.27 5.08 -14.64
N SER H 39 -20.08 4.73 -14.16
CA SER H 39 -19.66 5.04 -12.80
C SER H 39 -18.14 4.94 -12.74
N TRP H 40 -17.48 5.53 -11.74
CA TRP H 40 -16.03 5.50 -11.60
C TRP H 40 -15.69 5.64 -10.13
N TYR H 41 -14.80 4.79 -9.69
CA TYR H 41 -14.27 4.80 -8.36
C TYR H 41 -12.75 4.85 -8.42
N PHE H 42 -12.08 5.68 -7.60
CA PHE H 42 -10.65 5.72 -7.57
C PHE H 42 -10.11 5.89 -6.17
N HIS H 43 -8.99 5.22 -5.93
CA HIS H 43 -8.30 5.34 -4.67
C HIS H 43 -6.78 5.30 -4.89
N SER H 44 -5.93 6.20 -4.35
CA SER H 44 -4.50 5.99 -4.38
C SER H 44 -3.89 6.26 -3.02
N GLU H 45 -2.71 5.80 -2.71
CA GLU H 45 -2.12 6.07 -1.43
C GLU H 45 -0.64 6.08 -1.66
N LEU H 46 0.04 7.06 -1.10
CA LEU H 46 1.47 7.22 -1.26
C LEU H 46 2.08 7.38 0.13
N ALA H 47 3.07 6.59 0.49
CA ALA H 47 3.67 6.72 1.80
C ALA H 47 4.59 7.93 1.85
N GLY H 48 4.64 8.60 3.00
CA GLY H 48 5.48 9.76 3.16
C GLY H 48 6.57 9.38 4.15
CA CA I . 40.97 -13.66 3.27
MN MN J . 39.28 -15.40 -0.34
C1 MMA K . 44.80 -13.29 12.17
C2 MMA K . 43.83 -14.45 12.03
C3 MMA K . 43.37 -14.63 10.58
C4 MMA K . 42.85 -13.30 10.01
C5 MMA K . 43.86 -12.14 10.23
C6 MMA K . 43.41 -10.72 9.80
C7 MMA K . 47.04 -12.68 11.68
O1 MMA K . 46.03 -13.63 11.55
O2 MMA K . 42.71 -14.19 12.83
O3 MMA K . 42.33 -15.61 10.58
O4 MMA K . 42.62 -13.45 8.65
O5 MMA K . 44.21 -12.09 11.63
O6 MMA K . 42.33 -10.28 10.57
C1 MMA L . -18.91 -30.04 21.77
C2 MMA L . -17.72 -29.18 22.07
C3 MMA L . -18.01 -27.80 21.45
C4 MMA L . -18.09 -27.92 19.94
C5 MMA L . -19.18 -28.96 19.60
C6 MMA L . -19.34 -29.37 18.13
C7 MMA L . -21.36 -29.87 21.78
O1 MMA L . -20.07 -29.34 22.25
O2 MMA L . -16.66 -29.85 21.46
O3 MMA L . -17.09 -26.72 21.78
O4 MMA L . -18.43 -26.57 19.57
O5 MMA L . -18.90 -30.18 20.34
O6 MMA L . -18.17 -30.03 17.65
CA CA M . -19.12 -22.62 16.31
MN MN N . -18.91 -17.96 14.90
C1 MMA O . -5.83 46.09 13.00
C2 MMA O . -6.94 45.72 11.98
C3 MMA O . -7.93 44.72 12.55
C4 MMA O . -7.17 43.58 13.15
C5 MMA O . -6.19 44.07 14.22
C6 MMA O . -5.42 42.93 14.83
C7 MMA O . -5.30 47.42 14.84
O1 MMA O . -6.36 46.93 13.99
O2 MMA O . -6.32 45.12 10.86
O3 MMA O . -8.76 44.24 11.49
O4 MMA O . -8.12 42.75 13.70
O5 MMA O . -5.23 44.95 13.63
O6 MMA O . -4.36 42.55 13.93
CA CA P . -10.97 39.17 15.58
MN MN Q . -14.81 36.29 16.12
C1 MMA R . -9.51 5.61 -40.07
C2 MMA R . -8.47 6.22 -39.19
C3 MMA R . -7.88 5.20 -38.19
C4 MMA R . -8.98 4.49 -37.42
C5 MMA R . -10.02 3.88 -38.41
C6 MMA R . -11.24 3.29 -37.64
C7 MMA R . -9.86 4.05 -41.88
O1 MMA R . -8.93 4.71 -40.99
O2 MMA R . -9.12 7.22 -38.46
O3 MMA R . -7.10 5.97 -37.30
O4 MMA R . -8.43 3.49 -36.60
O5 MMA R . -10.48 4.97 -39.25
O6 MMA R . -12.10 4.32 -37.14
CA CA S . -6.91 -0.02 -32.98
MN MN T . -4.38 -1.80 -29.74
#